data_3GM8
#
_entry.id   3GM8
#
_cell.length_a   62.754
_cell.length_b   193.348
_cell.length_c   190.667
_cell.angle_alpha   90.000
_cell.angle_beta   90.000
_cell.angle_gamma   90.000
#
_symmetry.space_group_name_H-M   'C 2 2 21'
#
loop_
_entity.id
_entity.type
_entity.pdbx_description
1 polymer 'Glycoside hydrolase family 2, candidate beta-glycosidase'
2 non-polymer GLYCEROL
3 water water
#
_entity_poly.entity_id   1
_entity_poly.type   'polypeptide(L)'
_entity_poly.pdbx_seq_one_letter_code
;SLAGETINFCKGWKFHLGDAGKGASSSSYNDSQWRILNIPHDWSIEGTYKQFENGTDWQSGFLPAGISWYRKTFTIPSKW
KNKKVQILFEGVYLNSEVWINGHWLGKRPNGYISFVYDLTPYLQEGKNQIAVKVDHSKALTGRWYTGSGIYRPVYLLVSN
PTHIPYSGIHFRSKLQNKQSATYTLSIEIETQEKKPIKVKTYLQAPNGSIADTSEKIFVSSADSLCFLSGSIRKPLLWSP
DSPNVYTLICQLTRDNKILDECRLPVGFRQLEFNPVSGFLLNGKSLKIKGVCDHHTVGAVGAAVPDDLLHYRLKLLKDMG
CNAIRTSHNPFSPAFYNLCDTMGIMVLNEGLDGWNQPKAADDYGNYFDEWWQKDMTDFIKRDRNHPSIIMWSIGNEVTGA
TPEIQHNLVSLFHQLDPDRPVTQGGTDPTRGMKTDYQKKFNYLDIIGFNGNGEEIGELEHFHKNYPTLCAIATEVPHTYQ
TRGVYRSQTQWRRRDFPAPWEKGNINWEQFKHRVFPIPDLTEKECFPEESDYPYYQSSYDNASVRISARKSWQRTCSFPW
LMGEFRWGSFDYLGEAEWPQRCGNFGIIDIAAIPKDAYFLYQSLWTDKPMVHLLPHWTHPGKEGKTIPVVIYTNCDAVEL
FINNVSLGSKPYTGEQLIWLVPYSPGKIEARGIKKGKIVATDCYQSAEAPHSVALASNKYSVKAGSDEVIRIEIDITDKN
GIPCPYASNELSFHVSGPLRLLGVDNGNPTDMFPYQQPHCRCFRGKCVVLLQSDEEKGKGTLTVQGTKLVEKKLIIEVIE
G
;
_entity_poly.pdbx_strand_id   A
#
# COMPACT_ATOMS: atom_id res chain seq x y z
N GLY A 4 -4.25 -24.42 23.45
CA GLY A 4 -3.28 -23.40 22.92
C GLY A 4 -3.68 -21.90 22.92
N GLU A 5 -2.72 -21.03 22.61
CA GLU A 5 -3.01 -19.58 22.40
C GLU A 5 -1.95 -18.76 21.63
N THR A 6 -2.43 -17.65 21.05
CA THR A 6 -1.62 -16.66 20.29
C THR A 6 -1.35 -15.49 21.22
N ILE A 7 -0.08 -15.25 21.51
CA ILE A 7 0.34 -14.17 22.42
C ILE A 7 0.95 -13.02 21.64
N ASN A 8 0.39 -11.82 21.81
CA ASN A 8 0.99 -10.60 21.23
C ASN A 8 2.35 -10.39 21.85
N PHE A 9 3.40 -10.29 21.03
CA PHE A 9 4.77 -10.19 21.53
C PHE A 9 5.47 -8.90 21.03
N CYS A 10 4.70 -7.85 20.84
CA CYS A 10 5.20 -6.56 20.34
C CYS A 10 5.74 -5.61 21.42
N LYS A 11 5.20 -5.69 22.63
CA LYS A 11 5.47 -4.71 23.66
C LYS A 11 6.80 -4.90 24.38
N GLY A 12 7.56 -3.81 24.47
CA GLY A 12 8.68 -3.80 25.38
C GLY A 12 9.84 -4.66 24.96
N TRP A 13 10.36 -4.36 23.79
CA TRP A 13 11.65 -4.87 23.35
C TRP A 13 12.74 -3.91 23.75
N LYS A 14 13.97 -4.38 23.75
CA LYS A 14 15.14 -3.56 23.81
C LYS A 14 15.76 -3.41 22.44
N PHE A 15 16.34 -2.26 22.15
CA PHE A 15 16.87 -1.93 20.81
C PHE A 15 18.22 -1.25 20.94
N HIS A 16 19.11 -1.53 20.01
CA HIS A 16 20.42 -0.99 19.99
C HIS A 16 20.73 -0.62 18.57
N LEU A 17 20.70 0.67 18.26
CA LEU A 17 21.10 1.15 16.94
C LEU A 17 22.57 0.85 16.76
N GLY A 18 22.97 0.34 15.61
CA GLY A 18 24.34 -0.12 15.42
C GLY A 18 24.62 -1.52 15.95
N ASP A 19 25.75 -2.06 15.51
CA ASP A 19 26.16 -3.45 15.77
C ASP A 19 26.71 -3.61 17.18
N ALA A 20 26.00 -4.32 18.06
CA ALA A 20 26.43 -4.54 19.44
C ALA A 20 27.44 -5.68 19.62
N GLY A 21 27.83 -6.33 18.51
CA GLY A 21 28.85 -7.39 18.55
C GLY A 21 28.32 -8.77 18.89
N LYS A 22 29.18 -9.77 18.67
CA LYS A 22 28.85 -11.20 18.88
C LYS A 22 28.14 -11.43 20.21
N GLY A 23 28.60 -10.79 21.26
CA GLY A 23 28.08 -11.10 22.59
C GLY A 23 26.60 -10.83 22.76
N ALA A 24 26.05 -9.95 21.93
CA ALA A 24 24.66 -9.54 22.06
C ALA A 24 23.62 -10.68 21.83
N SER A 25 24.07 -11.87 21.40
CA SER A 25 23.15 -13.04 21.28
C SER A 25 22.92 -13.85 22.53
N SER A 26 23.85 -13.81 23.47
CA SER A 26 23.82 -14.68 24.63
C SER A 26 22.82 -14.26 25.67
N SER A 27 22.56 -15.15 26.60
CA SER A 27 21.70 -14.87 27.74
C SER A 27 22.22 -13.74 28.65
N SER A 28 23.51 -13.77 28.94
CA SER A 28 24.08 -13.02 30.07
C SER A 28 24.34 -11.58 29.74
N TYR A 29 24.37 -11.26 28.44
CA TYR A 29 24.66 -9.92 27.99
C TYR A 29 23.81 -8.88 28.69
N ASN A 30 24.47 -7.76 28.90
CA ASN A 30 23.94 -6.63 29.65
C ASN A 30 23.40 -5.63 28.64
N ASP A 31 22.08 -5.61 28.53
CA ASP A 31 21.34 -4.74 27.61
C ASP A 31 20.65 -3.60 28.37
N SER A 32 20.98 -3.40 29.66
CA SER A 32 20.35 -2.38 30.50
C SER A 32 20.61 -0.93 30.06
N GLN A 33 21.61 -0.70 29.23
CA GLN A 33 21.82 0.60 28.61
C GLN A 33 21.04 0.79 27.30
N TRP A 34 20.33 -0.26 26.83
CA TRP A 34 19.60 -0.20 25.56
C TRP A 34 18.29 0.61 25.64
N ARG A 35 17.88 1.22 24.53
CA ARG A 35 16.54 1.81 24.39
C ARG A 35 15.39 0.80 24.58
N ILE A 36 14.29 1.20 25.23
CA ILE A 36 13.09 0.39 25.33
C ILE A 36 11.98 0.93 24.39
N LEU A 37 11.42 0.04 23.55
CA LEU A 37 10.38 0.45 22.55
C LEU A 37 9.37 -0.67 22.29
N ASN A 38 8.35 -0.36 21.52
CA ASN A 38 7.44 -1.37 21.06
C ASN A 38 7.65 -1.58 19.59
N ILE A 39 7.51 -2.82 19.11
CA ILE A 39 7.46 -3.05 17.66
C ILE A 39 5.98 -3.09 17.22
N PRO A 40 5.69 -2.91 15.92
CA PRO A 40 6.52 -2.68 14.74
C PRO A 40 7.34 -1.43 14.83
N HIS A 41 8.51 -1.45 14.24
CA HIS A 41 9.52 -0.41 14.37
C HIS A 41 10.38 -0.46 13.10
N ASP A 42 10.58 0.72 12.53
CA ASP A 42 11.46 0.99 11.40
C ASP A 42 12.53 2.01 11.90
N TRP A 43 13.72 1.56 12.24
CA TRP A 43 14.72 2.46 12.77
C TRP A 43 15.16 3.47 11.73
N SER A 44 14.94 3.17 10.45
CA SER A 44 15.43 4.04 9.39
C SER A 44 14.67 5.35 9.32
N ILE A 45 13.38 5.28 9.59
CA ILE A 45 12.50 6.44 9.46
C ILE A 45 12.69 7.39 10.67
N GLU A 46 13.58 6.98 11.59
CA GLU A 46 13.88 7.71 12.81
C GLU A 46 15.16 8.54 12.67
N GLY A 47 15.87 8.44 11.55
CA GLY A 47 17.17 9.06 11.45
C GLY A 47 17.17 10.28 10.61
N THR A 48 18.36 10.64 10.13
CA THR A 48 18.57 11.90 9.46
C THR A 48 18.90 11.74 8.00
N TYR A 49 18.23 12.47 7.15
CA TYR A 49 18.66 12.48 5.78
C TYR A 49 20.15 12.86 5.62
N LYS A 50 20.89 12.08 4.84
CA LYS A 50 22.26 12.46 4.42
C LYS A 50 22.47 12.01 2.98
N GLN A 51 23.14 12.84 2.17
CA GLN A 51 23.21 12.59 0.74
C GLN A 51 24.12 11.41 0.46
N PHE A 52 25.19 11.29 1.26
CA PHE A 52 26.25 10.26 1.10
C PHE A 52 26.60 9.50 2.37
N GLU A 53 26.40 10.10 3.53
CA GLU A 53 26.98 9.58 4.78
C GLU A 53 26.31 8.34 5.32
N ASN A 54 25.04 8.17 4.97
CA ASN A 54 24.22 7.08 5.50
C ASN A 54 24.52 5.79 4.77
N GLY A 55 25.12 5.87 3.59
CA GLY A 55 25.41 4.68 2.78
C GLY A 55 24.39 4.47 1.67
N THR A 56 23.19 5.00 1.88
CA THR A 56 22.05 4.77 1.01
C THR A 56 22.07 5.82 -0.09
N ASP A 57 21.26 5.61 -1.13
CA ASP A 57 21.37 6.47 -2.30
C ASP A 57 20.01 6.90 -2.80
N TRP A 58 19.95 7.30 -4.08
CA TRP A 58 18.73 7.85 -4.63
C TRP A 58 17.58 6.85 -4.63
N GLN A 59 17.88 5.56 -4.83
CA GLN A 59 16.89 4.50 -4.71
C GLN A 59 16.46 4.23 -3.28
N SER A 60 17.41 3.95 -2.40
CA SER A 60 17.08 3.62 -1.01
C SER A 60 16.58 4.78 -0.14
N GLY A 61 16.73 6.02 -0.63
CA GLY A 61 16.09 7.19 -0.02
C GLY A 61 16.88 7.95 1.06
N PHE A 62 18.20 7.79 1.07
CA PHE A 62 19.10 8.65 1.83
C PHE A 62 18.96 8.61 3.35
N LEU A 63 18.29 7.59 3.89
CA LEU A 63 18.17 7.41 5.35
C LEU A 63 19.11 6.31 5.80
N PRO A 64 19.32 6.19 7.13
CA PRO A 64 20.27 5.21 7.61
C PRO A 64 19.77 3.76 7.58
N ALA A 65 20.74 2.86 7.45
CA ALA A 65 20.58 1.42 7.38
C ALA A 65 21.52 0.81 8.43
N GLY A 66 22.49 -0.01 8.00
CA GLY A 66 23.43 -0.70 8.90
C GLY A 66 22.85 -1.81 9.75
N ILE A 67 23.59 -2.21 10.80
CA ILE A 67 23.18 -3.28 11.68
C ILE A 67 22.61 -2.75 12.98
N SER A 68 21.67 -3.47 13.58
CA SER A 68 21.08 -3.12 14.86
C SER A 68 20.55 -4.39 15.45
N TRP A 69 20.17 -4.34 16.73
CA TRP A 69 19.80 -5.52 17.48
C TRP A 69 18.54 -5.29 18.26
N TYR A 70 17.76 -6.34 18.51
CA TYR A 70 16.65 -6.26 19.42
C TYR A 70 16.85 -7.37 20.43
N ARG A 71 16.31 -7.20 21.64
CA ARG A 71 16.40 -8.23 22.68
C ARG A 71 15.17 -8.18 23.54
N LYS A 72 14.73 -9.32 24.01
CA LYS A 72 13.62 -9.36 24.89
C LYS A 72 13.59 -10.60 25.80
N THR A 73 13.13 -10.35 27.00
CA THR A 73 13.01 -11.31 28.04
C THR A 73 11.55 -11.72 28.14
N PHE A 74 11.29 -13.01 28.38
CA PHE A 74 9.95 -13.48 28.72
C PHE A 74 10.03 -14.66 29.69
N THR A 75 8.92 -14.98 30.32
CA THR A 75 8.87 -16.09 31.27
C THR A 75 7.74 -17.03 30.90
N ILE A 76 7.86 -18.32 31.23
CA ILE A 76 6.84 -19.32 30.88
C ILE A 76 5.90 -19.60 32.05
N PRO A 77 4.60 -19.35 31.88
CA PRO A 77 3.62 -19.69 32.92
C PRO A 77 3.60 -21.18 33.20
N SER A 78 2.83 -21.59 34.22
CA SER A 78 2.72 -23.01 34.61
C SER A 78 1.83 -23.76 33.60
N LYS A 79 0.73 -23.09 33.18
CA LYS A 79 -0.21 -23.58 32.16
C LYS A 79 0.52 -24.13 30.89
N TRP A 80 1.64 -23.51 30.49
CA TRP A 80 2.35 -23.93 29.28
C TRP A 80 3.44 -24.97 29.50
N LYS A 81 3.41 -25.73 30.57
CA LYS A 81 4.49 -26.72 30.75
C LYS A 81 4.39 -27.81 29.65
N ASN A 82 3.15 -28.13 29.27
CA ASN A 82 2.87 -29.16 28.26
C ASN A 82 3.17 -28.68 26.83
N LYS A 83 3.13 -27.35 26.63
CA LYS A 83 2.96 -26.76 25.33
C LYS A 83 4.19 -26.74 24.45
N LYS A 84 3.93 -26.70 23.13
CA LYS A 84 4.93 -26.34 22.13
C LYS A 84 4.84 -24.81 21.96
N VAL A 85 5.99 -24.14 21.85
CA VAL A 85 6.05 -22.69 21.83
C VAL A 85 6.90 -22.20 20.67
N GLN A 86 6.29 -21.44 19.77
CA GLN A 86 7.03 -20.94 18.62
C GLN A 86 6.97 -19.43 18.60
N ILE A 87 7.85 -18.84 17.79
CA ILE A 87 7.84 -17.40 17.56
C ILE A 87 7.56 -17.11 16.08
N LEU A 88 6.47 -16.35 15.84
CA LEU A 88 6.10 -15.85 14.52
C LEU A 88 6.60 -14.41 14.37
N PHE A 89 7.45 -14.20 13.36
CA PHE A 89 7.83 -12.91 12.84
C PHE A 89 7.10 -12.68 11.51
N GLU A 90 6.13 -11.80 11.48
CA GLU A 90 5.49 -11.45 10.23
C GLU A 90 6.44 -10.71 9.24
N GLY A 91 7.55 -10.18 9.74
CA GLY A 91 8.56 -9.62 8.81
C GLY A 91 9.68 -8.83 9.45
N VAL A 92 10.88 -9.01 8.94
CA VAL A 92 12.05 -8.40 9.50
C VAL A 92 12.98 -8.06 8.34
N TYR A 93 13.15 -6.76 8.09
CA TYR A 93 13.99 -6.25 7.00
C TYR A 93 15.39 -5.82 7.52
N LEU A 94 16.46 -6.55 7.22
CA LEU A 94 16.43 -7.83 6.54
C LEU A 94 17.61 -8.64 7.06
N ASN A 95 17.85 -9.81 6.48
CA ASN A 95 18.92 -10.70 6.94
C ASN A 95 18.86 -10.98 8.43
N SER A 96 17.69 -11.21 8.99
CA SER A 96 17.65 -11.40 10.43
C SER A 96 18.28 -12.72 10.84
N GLU A 97 18.97 -12.72 11.98
CA GLU A 97 19.27 -13.90 12.75
C GLU A 97 18.56 -13.78 14.09
N VAL A 98 18.17 -14.91 14.68
CA VAL A 98 17.47 -14.97 15.95
C VAL A 98 18.13 -16.03 16.83
N TRP A 99 18.15 -15.80 18.13
CA TRP A 99 18.77 -16.70 19.05
C TRP A 99 17.87 -16.91 20.26
N ILE A 100 17.77 -18.13 20.77
CA ILE A 100 16.98 -18.35 21.97
C ILE A 100 17.89 -18.88 23.08
N ASN A 101 18.00 -18.10 24.15
CA ASN A 101 18.81 -18.45 25.29
C ASN A 101 20.19 -18.84 24.81
N GLY A 102 20.69 -18.09 23.83
CA GLY A 102 22.02 -18.31 23.28
C GLY A 102 22.08 -19.16 22.01
N HIS A 103 21.03 -19.95 21.77
CA HIS A 103 21.01 -20.92 20.66
C HIS A 103 20.46 -20.36 19.32
N TRP A 104 21.27 -20.45 18.27
CA TRP A 104 20.96 -19.91 16.95
C TRP A 104 19.82 -20.65 16.24
N LEU A 105 18.72 -19.96 15.97
CA LEU A 105 17.54 -20.56 15.36
C LEU A 105 17.58 -20.57 13.83
N GLY A 106 18.33 -19.65 13.23
CA GLY A 106 18.41 -19.47 11.80
C GLY A 106 18.70 -18.02 11.37
N LYS A 107 19.05 -17.89 10.10
CA LYS A 107 19.29 -16.63 9.46
C LYS A 107 18.35 -16.61 8.27
N ARG A 108 17.66 -15.51 8.04
CA ARG A 108 16.74 -15.42 6.94
C ARG A 108 16.91 -14.12 6.17
N PRO A 109 17.51 -14.19 4.95
CA PRO A 109 17.76 -13.02 4.10
C PRO A 109 16.56 -12.19 3.68
N ASN A 110 15.55 -12.84 3.13
CA ASN A 110 14.40 -12.17 2.60
C ASN A 110 13.73 -11.29 3.67
N GLY A 111 13.50 -10.03 3.34
CA GLY A 111 12.97 -9.06 4.31
C GLY A 111 11.48 -8.85 4.31
N TYR A 112 10.78 -9.52 3.38
CA TYR A 112 9.33 -9.36 3.21
C TYR A 112 8.49 -10.61 3.53
N ILE A 113 9.14 -11.67 3.97
CA ILE A 113 8.49 -12.95 4.15
C ILE A 113 8.17 -13.23 5.62
N SER A 114 6.99 -13.74 5.93
CA SER A 114 6.71 -14.20 7.30
C SER A 114 7.42 -15.56 7.58
N PHE A 115 7.79 -15.82 8.83
CA PHE A 115 8.58 -17.02 9.20
C PHE A 115 8.41 -17.33 10.67
N VAL A 116 8.51 -18.60 11.02
CA VAL A 116 8.31 -19.06 12.38
C VAL A 116 9.52 -19.90 12.79
N TYR A 117 9.87 -19.88 14.08
CA TYR A 117 10.94 -20.72 14.64
C TYR A 117 10.38 -21.36 15.90
N ASP A 118 10.82 -22.60 16.15
CA ASP A 118 10.38 -23.39 17.33
C ASP A 118 11.31 -23.12 18.53
N LEU A 119 10.76 -22.72 19.64
CA LEU A 119 11.62 -22.40 20.77
C LEU A 119 11.69 -23.53 21.78
N THR A 120 10.65 -24.37 21.79
CA THR A 120 10.39 -25.40 22.79
C THR A 120 11.61 -26.16 23.24
N PRO A 121 12.42 -26.64 22.30
CA PRO A 121 13.54 -27.44 22.80
C PRO A 121 14.57 -26.64 23.58
N TYR A 122 14.47 -25.31 23.64
CA TYR A 122 15.52 -24.54 24.27
C TYR A 122 15.07 -23.74 25.53
N LEU A 123 13.83 -23.96 25.96
CA LEU A 123 13.23 -23.17 27.03
C LEU A 123 13.71 -23.61 28.40
N GLN A 124 13.73 -22.66 29.34
CA GLN A 124 14.32 -22.82 30.69
C GLN A 124 13.32 -22.52 31.81
N GLU A 125 13.81 -22.69 33.05
CA GLU A 125 12.99 -22.59 34.29
C GLU A 125 12.26 -21.25 34.37
N GLY A 126 13.04 -20.16 34.44
CA GLY A 126 12.45 -18.84 34.66
C GLY A 126 12.46 -17.96 33.44
N LYS A 127 13.62 -17.38 33.18
CA LYS A 127 13.75 -16.20 32.31
C LYS A 127 14.37 -16.63 31.00
N ASN A 128 13.67 -16.41 29.90
CA ASN A 128 14.17 -16.77 28.59
C ASN A 128 14.50 -15.53 27.77
N GLN A 129 15.58 -15.63 27.01
CA GLN A 129 16.12 -14.55 26.21
C GLN A 129 15.92 -14.77 24.70
N ILE A 130 15.35 -13.75 24.02
CA ILE A 130 15.40 -13.69 22.58
C ILE A 130 16.40 -12.60 22.22
N ALA A 131 17.27 -12.88 21.26
CA ALA A 131 18.10 -11.85 20.62
C ALA A 131 17.82 -11.87 19.12
N VAL A 132 17.80 -10.71 18.47
CA VAL A 132 17.62 -10.58 17.04
C VAL A 132 18.64 -9.59 16.45
N LYS A 133 19.40 -10.04 15.46
CA LYS A 133 20.34 -9.18 14.79
C LYS A 133 19.75 -8.93 13.43
N VAL A 134 19.52 -7.67 13.07
CA VAL A 134 19.08 -7.31 11.75
C VAL A 134 20.25 -6.71 11.00
N ASP A 135 20.65 -7.28 9.86
CA ASP A 135 21.88 -6.85 9.18
C ASP A 135 21.59 -6.19 7.86
N HIS A 136 21.47 -4.86 7.89
CA HIS A 136 21.26 -4.05 6.67
C HIS A 136 22.51 -3.22 6.42
N SER A 137 23.65 -3.80 6.72
CA SER A 137 24.95 -3.15 6.46
C SER A 137 25.21 -3.02 4.98
N LYS A 138 24.71 -3.94 4.18
CA LYS A 138 24.82 -3.79 2.74
C LYS A 138 23.54 -3.13 2.36
N ALA A 139 23.53 -1.81 2.20
CA ALA A 139 22.29 -1.02 2.29
C ALA A 139 21.51 -0.88 1.01
N LEU A 140 22.08 -1.21 -0.12
CA LEU A 140 21.40 -0.98 -1.41
C LEU A 140 20.52 -2.22 -1.79
N THR A 141 19.53 -2.47 -0.94
CA THR A 141 18.76 -3.67 -0.99
C THR A 141 17.40 -3.54 -1.72
N GLY A 142 17.19 -2.46 -2.46
CA GLY A 142 15.87 -2.13 -3.02
C GLY A 142 16.01 -0.96 -3.97
N ARG A 143 15.07 -0.85 -4.90
CA ARG A 143 15.05 0.30 -5.79
C ARG A 143 14.18 1.42 -5.21
N TRP A 144 13.82 1.29 -3.94
CA TRP A 144 12.95 2.19 -3.25
C TRP A 144 13.34 2.14 -1.79
N TYR A 145 12.80 3.04 -0.98
CA TYR A 145 13.07 3.02 0.46
C TYR A 145 12.39 1.80 1.03
N THR A 146 13.14 1.04 1.82
CA THR A 146 12.68 -0.24 2.34
C THR A 146 12.29 -0.20 3.78
N GLY A 147 13.01 0.59 4.57
CA GLY A 147 12.92 0.53 6.04
C GLY A 147 13.95 -0.46 6.59
N SER A 148 14.08 -0.50 7.90
CA SER A 148 14.97 -1.42 8.57
C SER A 148 14.31 -1.81 9.88
N GLY A 149 14.34 -3.10 10.22
CA GLY A 149 13.91 -3.55 11.51
C GLY A 149 12.85 -4.61 11.54
N ILE A 150 12.35 -4.83 12.74
CA ILE A 150 11.20 -5.68 13.01
C ILE A 150 9.93 -4.87 12.73
N TYR A 151 9.65 -4.68 11.45
CA TYR A 151 8.61 -3.72 11.00
C TYR A 151 7.21 -4.24 10.91
N ARG A 152 7.03 -5.53 11.19
CA ARG A 152 5.66 -6.12 11.35
C ARG A 152 5.58 -6.79 12.70
N PRO A 153 4.36 -7.16 13.12
CA PRO A 153 4.20 -7.73 14.47
C PRO A 153 4.90 -9.06 14.68
N VAL A 154 5.05 -9.41 15.95
CA VAL A 154 5.65 -10.63 16.38
C VAL A 154 4.71 -11.30 17.37
N TYR A 155 4.62 -12.62 17.30
CA TYR A 155 3.69 -13.37 18.17
C TYR A 155 4.35 -14.61 18.68
N LEU A 156 3.87 -15.09 19.81
CA LEU A 156 4.29 -16.39 20.33
C LEU A 156 3.11 -17.27 20.03
N LEU A 157 3.39 -18.36 19.30
CA LEU A 157 2.36 -19.36 18.93
C LEU A 157 2.55 -20.48 19.93
N VAL A 158 1.58 -20.62 20.83
CA VAL A 158 1.65 -21.55 21.94
C VAL A 158 0.59 -22.63 21.72
N SER A 159 1.00 -23.86 21.44
CA SER A 159 0.04 -24.94 21.09
C SER A 159 0.29 -26.28 21.77
N ASN A 160 -0.78 -27.04 21.93
CA ASN A 160 -0.71 -28.50 22.15
C ASN A 160 0.25 -29.09 21.15
N PRO A 161 1.04 -30.08 21.55
CA PRO A 161 1.96 -30.73 20.64
C PRO A 161 1.29 -31.20 19.36
N THR A 162 -0.01 -31.46 19.46
CA THR A 162 -0.85 -31.79 18.34
C THR A 162 -1.58 -30.55 17.83
N HIS A 163 -1.11 -30.02 16.70
CA HIS A 163 -1.65 -28.79 16.19
C HIS A 163 -1.49 -28.69 14.65
N ILE A 164 -2.16 -27.68 14.09
CA ILE A 164 -2.03 -27.28 12.70
C ILE A 164 -0.88 -26.29 12.57
N PRO A 165 0.18 -26.65 11.82
CA PRO A 165 1.37 -25.78 11.72
C PRO A 165 1.02 -24.50 11.05
N TYR A 166 1.88 -23.49 11.20
CA TYR A 166 1.62 -22.19 10.54
C TYR A 166 1.52 -22.42 9.04
N SER A 167 0.52 -21.79 8.42
CA SER A 167 0.33 -21.87 6.97
C SER A 167 -0.08 -23.29 6.54
N GLY A 168 -0.87 -23.96 7.36
CA GLY A 168 -1.08 -25.39 7.20
C GLY A 168 -2.44 -25.76 6.66
N ILE A 169 -3.25 -24.77 6.30
CA ILE A 169 -4.57 -24.99 5.77
C ILE A 169 -4.66 -24.40 4.38
N HIS A 170 -5.16 -25.20 3.42
CA HIS A 170 -5.45 -24.73 2.06
C HIS A 170 -6.95 -24.94 1.74
N PHE A 171 -7.67 -23.87 1.41
CA PHE A 171 -9.09 -23.90 1.10
C PHE A 171 -9.28 -23.64 -0.37
N ARG A 172 -10.09 -24.43 -1.03
CA ARG A 172 -10.42 -24.22 -2.44
C ARG A 172 -11.88 -24.46 -2.68
N SER A 173 -12.48 -23.68 -3.55
CA SER A 173 -13.89 -23.83 -3.80
C SER A 173 -14.11 -23.85 -5.27
N LYS A 174 -15.25 -24.41 -5.67
CA LYS A 174 -15.71 -24.30 -7.05
C LYS A 174 -17.18 -23.90 -7.03
N LEU A 175 -17.51 -22.82 -7.70
CA LEU A 175 -18.91 -22.43 -7.78
C LEU A 175 -19.59 -23.24 -8.90
N GLN A 176 -20.83 -23.64 -8.61
CA GLN A 176 -21.71 -24.26 -9.57
C GLN A 176 -22.93 -23.35 -9.72
N ASN A 177 -23.00 -22.63 -10.84
CA ASN A 177 -24.01 -21.58 -11.04
C ASN A 177 -24.04 -20.63 -9.82
N LYS A 178 -25.21 -20.41 -9.22
CA LYS A 178 -25.33 -19.60 -7.99
C LYS A 178 -26.14 -20.35 -6.93
N GLN A 179 -26.50 -21.60 -7.20
CA GLN A 179 -27.31 -22.37 -6.24
C GLN A 179 -26.42 -22.95 -5.12
N SER A 180 -25.15 -23.22 -5.44
CA SER A 180 -24.26 -23.91 -4.51
C SER A 180 -22.81 -23.78 -4.92
N ALA A 181 -21.92 -24.19 -4.01
CA ALA A 181 -20.51 -24.32 -4.34
C ALA A 181 -20.00 -25.51 -3.60
N THR A 182 -18.94 -26.13 -4.11
CA THR A 182 -18.26 -27.17 -3.34
C THR A 182 -16.89 -26.67 -2.91
N TYR A 183 -16.28 -27.30 -1.94
CA TYR A 183 -14.97 -26.86 -1.55
C TYR A 183 -14.19 -28.01 -0.93
N THR A 184 -12.87 -27.88 -0.92
CA THR A 184 -12.01 -28.86 -0.26
C THR A 184 -11.05 -28.17 0.71
N LEU A 185 -10.68 -28.91 1.75
CA LEU A 185 -9.84 -28.45 2.80
C LEU A 185 -8.65 -29.37 2.96
N SER A 186 -7.45 -28.83 2.83
CA SER A 186 -6.23 -29.58 3.07
C SER A 186 -5.60 -29.08 4.35
N ILE A 187 -5.57 -29.91 5.39
CA ILE A 187 -5.10 -29.46 6.70
C ILE A 187 -3.91 -30.26 7.14
N GLU A 188 -2.74 -29.63 7.26
CA GLU A 188 -1.56 -30.28 7.83
C GLU A 188 -1.77 -30.37 9.33
N ILE A 189 -1.28 -31.47 9.87
CA ILE A 189 -1.41 -31.79 11.25
C ILE A 189 -0.06 -32.28 11.65
N GLU A 190 0.50 -31.66 12.68
CA GLU A 190 1.70 -32.17 13.29
C GLU A 190 1.25 -32.88 14.57
N THR A 191 1.86 -34.02 14.88
CA THR A 191 1.50 -34.79 16.06
C THR A 191 2.52 -35.86 16.38
N GLN A 192 2.51 -36.32 17.62
CA GLN A 192 3.44 -37.37 18.11
C GLN A 192 2.69 -38.57 18.69
N GLU A 193 1.35 -38.53 18.69
CA GLU A 193 0.55 -39.58 19.33
C GLU A 193 -0.36 -40.24 18.28
N LYS A 194 -0.39 -41.57 18.28
CA LYS A 194 -1.02 -42.37 17.19
C LYS A 194 -2.56 -42.45 17.26
N LYS A 195 -3.13 -42.18 18.44
CA LYS A 195 -4.57 -42.24 18.65
C LYS A 195 -5.27 -41.30 17.67
N PRO A 196 -6.46 -41.69 17.19
CA PRO A 196 -7.11 -40.96 16.12
C PRO A 196 -7.50 -39.53 16.53
N ILE A 197 -7.79 -38.68 15.56
CA ILE A 197 -8.12 -37.29 15.82
C ILE A 197 -9.36 -36.94 15.01
N LYS A 198 -10.38 -36.38 15.65
CA LYS A 198 -11.55 -35.93 14.89
C LYS A 198 -11.47 -34.44 14.54
N VAL A 199 -11.21 -34.15 13.26
CA VAL A 199 -11.08 -32.79 12.75
C VAL A 199 -12.45 -32.18 12.46
N LYS A 200 -12.76 -31.05 13.09
CA LYS A 200 -14.04 -30.41 12.84
C LYS A 200 -13.79 -29.02 12.24
N THR A 201 -14.66 -28.58 11.33
CA THR A 201 -14.44 -27.35 10.61
C THR A 201 -15.76 -26.64 10.41
N TYR A 202 -15.75 -25.32 10.44
CA TYR A 202 -17.01 -24.56 10.38
C TYR A 202 -16.78 -23.38 9.44
N LEU A 203 -17.71 -23.19 8.50
CA LEU A 203 -17.74 -21.98 7.68
C LEU A 203 -18.71 -21.01 8.33
N GLN A 204 -18.18 -20.01 9.01
CA GLN A 204 -19.04 -19.00 9.64
C GLN A 204 -19.31 -17.93 8.59
N ALA A 205 -20.58 -17.64 8.33
CA ALA A 205 -20.94 -16.64 7.32
C ALA A 205 -20.61 -15.20 7.76
N PRO A 206 -20.68 -14.24 6.83
CA PRO A 206 -20.40 -12.87 7.25
C PRO A 206 -21.29 -12.38 8.40
N ASN A 207 -22.55 -12.84 8.47
CA ASN A 207 -23.46 -12.45 9.59
C ASN A 207 -23.27 -13.17 10.93
N GLY A 208 -22.22 -13.98 11.09
CA GLY A 208 -21.94 -14.72 12.34
C GLY A 208 -22.51 -16.14 12.45
N SER A 209 -23.57 -16.44 11.71
CA SER A 209 -24.12 -17.80 11.67
C SER A 209 -23.21 -18.83 10.94
N ILE A 210 -23.29 -20.09 11.38
CA ILE A 210 -22.52 -21.20 10.82
C ILE A 210 -23.26 -21.74 9.61
N ALA A 211 -22.67 -21.61 8.42
CA ALA A 211 -23.32 -22.01 7.15
C ALA A 211 -23.02 -23.46 6.66
N ASP A 212 -22.04 -24.12 7.26
CA ASP A 212 -21.70 -25.49 6.89
C ASP A 212 -20.73 -26.10 7.91
N THR A 213 -20.81 -27.40 8.10
CA THR A 213 -19.86 -28.12 8.92
C THR A 213 -19.37 -29.32 8.17
N SER A 214 -18.15 -29.75 8.47
CA SER A 214 -17.60 -30.94 7.90
C SER A 214 -16.75 -31.55 9.00
N GLU A 215 -16.61 -32.87 8.99
CA GLU A 215 -15.93 -33.58 10.08
C GLU A 215 -15.19 -34.75 9.44
N LYS A 216 -14.09 -35.20 10.04
CA LYS A 216 -13.22 -36.20 9.38
C LYS A 216 -12.25 -36.76 10.38
N ILE A 217 -12.08 -38.08 10.42
CA ILE A 217 -11.10 -38.71 11.30
C ILE A 217 -9.77 -38.71 10.59
N PHE A 218 -8.69 -38.42 11.31
CA PHE A 218 -7.35 -38.41 10.72
C PHE A 218 -6.53 -39.39 11.51
N VAL A 219 -5.64 -40.10 10.83
CA VAL A 219 -4.56 -40.85 11.51
C VAL A 219 -3.21 -40.47 10.83
N LEU A 225 -1.30 -34.92 6.45
CA LEU A 225 -2.39 -34.13 5.81
C LEU A 225 -3.71 -34.79 6.06
N CYS A 226 -4.74 -34.00 6.29
CA CYS A 226 -6.08 -34.50 6.41
C CYS A 226 -6.99 -33.68 5.49
N PHE A 227 -7.70 -34.34 4.58
CA PHE A 227 -8.36 -33.69 3.46
C PHE A 227 -9.85 -33.87 3.58
N LEU A 228 -10.61 -32.78 3.54
CA LEU A 228 -12.04 -32.84 3.73
C LEU A 228 -12.78 -32.33 2.51
N SER A 229 -13.99 -32.84 2.25
CA SER A 229 -14.82 -32.38 1.15
C SER A 229 -16.15 -31.96 1.70
N GLY A 230 -16.66 -30.85 1.18
CA GLY A 230 -17.91 -30.26 1.67
C GLY A 230 -18.57 -29.46 0.59
N SER A 231 -19.75 -28.95 0.85
CA SER A 231 -20.37 -28.04 -0.06
C SER A 231 -21.26 -27.08 0.71
N ILE A 232 -21.86 -26.13 0.01
CA ILE A 232 -22.66 -25.13 0.66
C ILE A 232 -23.74 -24.62 -0.28
N ARG A 233 -24.93 -24.36 0.23
CA ARG A 233 -26.02 -23.76 -0.59
C ARG A 233 -25.99 -22.22 -0.60
N LYS A 234 -26.38 -21.64 -1.72
CA LYS A 234 -26.36 -20.17 -1.92
C LYS A 234 -25.26 -19.50 -1.08
N PRO A 235 -23.98 -19.75 -1.40
CA PRO A 235 -22.92 -19.06 -0.67
C PRO A 235 -22.94 -17.60 -1.06
N LEU A 236 -22.57 -16.71 -0.17
CA LEU A 236 -22.53 -15.28 -0.50
C LEU A 236 -21.21 -15.02 -1.20
N LEU A 237 -21.27 -14.56 -2.44
CA LEU A 237 -20.06 -14.39 -3.26
C LEU A 237 -19.26 -13.11 -2.89
N TRP A 238 -17.94 -13.22 -3.04
CA TRP A 238 -17.05 -12.12 -2.82
C TRP A 238 -16.89 -11.30 -4.08
N SER A 239 -17.05 -9.98 -3.92
CA SER A 239 -16.72 -9.00 -4.95
C SER A 239 -16.33 -7.65 -4.31
N PRO A 240 -15.73 -6.74 -5.12
CA PRO A 240 -15.44 -5.39 -4.66
C PRO A 240 -16.70 -4.72 -4.13
N ASP A 241 -17.79 -4.81 -4.88
CA ASP A 241 -19.04 -4.25 -4.43
C ASP A 241 -19.61 -4.95 -3.19
N SER A 242 -19.35 -6.25 -3.01
CA SER A 242 -19.87 -6.98 -1.87
C SER A 242 -18.80 -7.91 -1.36
N PRO A 243 -17.88 -7.36 -0.56
CA PRO A 243 -16.82 -8.20 0.03
C PRO A 243 -17.29 -9.17 1.10
N ASN A 244 -18.10 -10.17 0.72
CA ASN A 244 -18.46 -11.22 1.67
C ASN A 244 -17.26 -12.11 1.99
N VAL A 245 -16.95 -12.26 3.30
CA VAL A 245 -15.81 -13.03 3.79
C VAL A 245 -16.33 -14.01 4.86
N TYR A 246 -16.16 -15.30 4.60
CA TYR A 246 -16.45 -16.33 5.57
C TYR A 246 -15.20 -16.49 6.45
N THR A 247 -15.38 -17.06 7.64
CA THR A 247 -14.26 -17.34 8.52
C THR A 247 -14.22 -18.84 8.74
N LEU A 248 -13.15 -19.47 8.31
CA LEU A 248 -13.04 -20.91 8.39
C LEU A 248 -12.48 -21.23 9.75
N ILE A 249 -13.24 -21.98 10.55
CA ILE A 249 -12.74 -22.41 11.83
C ILE A 249 -12.42 -23.92 11.81
N CYS A 250 -11.18 -24.29 12.15
CA CYS A 250 -10.72 -25.65 12.12
C CYS A 250 -10.16 -26.08 13.45
N GLN A 251 -10.71 -27.17 14.00
CA GLN A 251 -10.34 -27.67 15.30
C GLN A 251 -9.80 -29.07 15.17
N LEU A 252 -8.80 -29.43 15.96
CA LEU A 252 -8.44 -30.80 16.12
C LEU A 252 -9.08 -31.27 17.45
N THR A 253 -9.94 -32.28 17.41
CA THR A 253 -10.59 -32.76 18.61
C THR A 253 -10.24 -34.20 18.90
N ARG A 254 -10.46 -34.56 20.15
CA ARG A 254 -10.31 -35.91 20.65
C ARG A 254 -11.15 -36.06 21.92
N ASP A 255 -12.03 -37.06 21.91
CA ASP A 255 -13.01 -37.27 23.00
C ASP A 255 -13.78 -35.98 23.21
N ASN A 256 -14.16 -35.36 22.10
CA ASN A 256 -14.95 -34.14 22.11
C ASN A 256 -14.27 -32.96 22.89
N LYS A 257 -12.96 -33.04 23.13
CA LYS A 257 -12.16 -31.94 23.73
C LYS A 257 -11.27 -31.26 22.66
N ILE A 258 -11.36 -29.94 22.54
CA ILE A 258 -10.59 -29.23 21.52
C ILE A 258 -9.09 -29.17 21.85
N LEU A 259 -8.25 -29.73 20.99
CA LEU A 259 -6.83 -29.73 21.22
C LEU A 259 -6.11 -28.54 20.60
N ASP A 260 -6.68 -28.02 19.51
CA ASP A 260 -6.11 -26.93 18.72
C ASP A 260 -7.19 -26.30 17.88
N GLU A 261 -7.06 -25.01 17.63
CA GLU A 261 -8.01 -24.32 16.79
C GLU A 261 -7.25 -23.36 15.93
N CYS A 262 -7.72 -23.14 14.71
CA CYS A 262 -7.08 -22.21 13.80
C CYS A 262 -8.19 -21.58 12.94
N ARG A 263 -8.19 -20.25 12.86
CA ARG A 263 -9.13 -19.52 12.01
C ARG A 263 -8.47 -18.82 10.84
N LEU A 264 -9.13 -18.82 9.70
CA LEU A 264 -8.68 -17.95 8.63
C LEU A 264 -9.85 -17.48 7.79
N PRO A 265 -9.67 -16.33 7.13
CA PRO A 265 -10.67 -15.79 6.24
C PRO A 265 -10.60 -16.49 4.90
N VAL A 266 -11.76 -16.73 4.31
CA VAL A 266 -11.84 -17.30 2.97
C VAL A 266 -13.06 -16.66 2.33
N GLY A 267 -13.21 -16.85 1.03
CA GLY A 267 -14.37 -16.34 0.31
C GLY A 267 -14.71 -17.20 -0.88
N PHE A 268 -15.89 -16.99 -1.47
CA PHE A 268 -16.29 -17.69 -2.70
C PHE A 268 -16.42 -16.76 -3.90
N ARG A 269 -15.65 -17.03 -4.94
CA ARG A 269 -15.83 -16.34 -6.18
C ARG A 269 -15.23 -17.13 -7.32
N GLN A 270 -15.72 -16.90 -8.52
CA GLN A 270 -15.18 -17.51 -9.72
C GLN A 270 -14.38 -16.48 -10.50
N LEU A 271 -13.18 -16.87 -10.92
CA LEU A 271 -12.30 -16.07 -11.75
C LEU A 271 -12.24 -16.65 -13.15
N GLU A 272 -12.48 -15.84 -14.18
CA GLU A 272 -12.20 -16.27 -15.56
C GLU A 272 -11.36 -15.23 -16.29
N PHE A 273 -10.39 -15.71 -17.05
CA PHE A 273 -9.50 -14.89 -17.85
C PHE A 273 -9.50 -15.39 -19.29
N ASN A 274 -9.80 -14.54 -20.26
CA ASN A 274 -9.67 -14.97 -21.65
C ASN A 274 -9.10 -13.89 -22.55
N PRO A 275 -8.55 -14.27 -23.69
CA PRO A 275 -7.91 -13.28 -24.55
C PRO A 275 -8.82 -12.43 -25.40
N VAL A 276 -10.13 -12.58 -25.30
CA VAL A 276 -11.01 -11.82 -26.17
C VAL A 276 -11.77 -10.70 -25.42
N SER A 277 -12.35 -11.05 -24.26
CA SER A 277 -13.14 -10.12 -23.48
C SER A 277 -12.52 -9.77 -22.10
N GLY A 278 -11.35 -10.33 -21.80
CA GLY A 278 -10.59 -10.02 -20.58
C GLY A 278 -10.96 -10.83 -19.35
N PHE A 279 -11.41 -10.14 -18.30
CA PHE A 279 -11.56 -10.72 -16.97
C PHE A 279 -13.01 -10.76 -16.63
N LEU A 280 -13.45 -11.85 -16.00
CA LEU A 280 -14.82 -11.94 -15.51
C LEU A 280 -14.83 -12.48 -14.09
N LEU A 281 -15.57 -11.79 -13.23
CA LEU A 281 -15.67 -12.17 -11.83
C LEU A 281 -17.10 -12.60 -11.65
N ASN A 282 -17.31 -13.80 -11.08
CA ASN A 282 -18.68 -14.30 -10.86
C ASN A 282 -19.54 -14.27 -12.13
N GLY A 283 -18.90 -14.57 -13.27
CA GLY A 283 -19.59 -14.56 -14.56
C GLY A 283 -19.88 -13.20 -15.17
N LYS A 284 -19.63 -12.13 -14.42
CA LYS A 284 -19.87 -10.76 -14.88
C LYS A 284 -18.53 -10.16 -15.26
N SER A 285 -18.46 -9.56 -16.43
CA SER A 285 -17.20 -9.03 -16.87
C SER A 285 -16.87 -7.73 -16.10
N LEU A 286 -15.58 -7.47 -15.91
CA LEU A 286 -15.08 -6.42 -14.98
C LEU A 286 -13.72 -5.93 -15.43
N LYS A 287 -13.63 -4.64 -15.74
CA LYS A 287 -12.36 -4.02 -16.08
C LYS A 287 -11.59 -3.83 -14.76
N ILE A 288 -10.30 -4.15 -14.78
CA ILE A 288 -9.45 -4.02 -13.63
C ILE A 288 -8.92 -2.57 -13.57
N LYS A 289 -9.41 -1.82 -12.60
CA LYS A 289 -9.05 -0.42 -12.35
C LYS A 289 -8.08 -0.43 -11.22
N GLY A 290 -6.81 -0.54 -11.56
CA GLY A 290 -5.77 -0.85 -10.59
C GLY A 290 -4.67 0.19 -10.36
N VAL A 291 -3.95 0.04 -9.25
CA VAL A 291 -2.80 0.89 -8.97
C VAL A 291 -1.72 0.02 -8.43
N CYS A 292 -0.48 0.41 -8.65
CA CYS A 292 0.62 -0.13 -7.84
C CYS A 292 0.81 0.71 -6.57
N ASP A 293 1.37 0.08 -5.55
CA ASP A 293 1.82 0.75 -4.36
C ASP A 293 3.02 0.00 -3.88
N HIS A 294 3.80 0.66 -3.03
CA HIS A 294 4.87 0.03 -2.27
C HIS A 294 4.43 -0.19 -0.83
N HIS A 295 5.24 -0.91 -0.05
CA HIS A 295 4.85 -1.35 1.29
C HIS A 295 4.96 -0.25 2.40
N THR A 296 5.69 0.82 2.10
CA THR A 296 5.97 1.90 3.06
C THR A 296 4.90 2.97 3.07
N VAL A 297 4.69 3.60 4.23
CA VAL A 297 3.62 4.60 4.40
C VAL A 297 4.16 5.94 4.98
N GLY A 298 4.96 6.62 4.17
CA GLY A 298 5.44 7.99 4.50
C GLY A 298 6.12 8.17 5.86
N ALA A 299 5.53 9.02 6.68
CA ALA A 299 6.13 9.46 7.94
C ALA A 299 6.35 8.35 8.94
N VAL A 300 5.61 7.24 8.80
CA VAL A 300 5.82 6.01 9.61
C VAL A 300 6.76 4.98 8.96
N GLY A 301 7.28 5.29 7.76
CA GLY A 301 8.14 4.33 7.05
C GLY A 301 7.46 2.95 6.86
N ALA A 302 8.19 1.87 7.14
CA ALA A 302 7.72 0.50 6.97
C ALA A 302 6.83 -0.03 8.14
N ALA A 303 6.86 0.63 9.30
CA ALA A 303 6.07 0.21 10.47
C ALA A 303 4.73 0.94 10.49
N VAL A 304 3.74 0.33 9.83
CA VAL A 304 2.47 0.94 9.50
C VAL A 304 1.46 0.36 10.44
N PRO A 305 0.71 1.20 11.15
CA PRO A 305 -0.38 0.65 11.95
C PRO A 305 -1.63 0.42 11.11
N ASP A 306 -2.45 -0.52 11.53
CA ASP A 306 -3.59 -0.98 10.73
C ASP A 306 -4.56 0.14 10.38
N ASP A 307 -4.86 1.00 11.34
CA ASP A 307 -5.71 2.18 11.08
C ASP A 307 -5.24 3.05 9.91
N LEU A 308 -3.94 3.24 9.78
CA LEU A 308 -3.42 4.07 8.68
C LEU A 308 -3.54 3.34 7.34
N LEU A 309 -3.23 2.04 7.35
CA LEU A 309 -3.45 1.19 6.17
C LEU A 309 -4.92 1.31 5.75
N HIS A 310 -5.80 1.23 6.74
CA HIS A 310 -7.21 1.32 6.46
C HIS A 310 -7.57 2.63 5.77
N TYR A 311 -7.09 3.72 6.38
CA TYR A 311 -7.31 5.07 5.85
C TYR A 311 -6.89 5.15 4.38
N ARG A 312 -5.71 4.66 4.07
CA ARG A 312 -5.21 4.70 2.67
C ARG A 312 -6.04 3.85 1.67
N LEU A 313 -6.36 2.62 2.09
CA LEU A 313 -7.13 1.72 1.25
C LEU A 313 -8.50 2.30 0.92
N LYS A 314 -9.11 2.92 1.92
CA LYS A 314 -10.42 3.55 1.77
C LYS A 314 -10.35 4.74 0.80
N LEU A 315 -9.31 5.54 0.88
CA LEU A 315 -9.09 6.60 -0.13
C LEU A 315 -9.03 6.01 -1.58
N LEU A 316 -8.32 4.90 -1.71
CA LEU A 316 -8.28 4.16 -2.99
C LEU A 316 -9.67 3.68 -3.37
N LYS A 317 -10.35 3.08 -2.42
CA LYS A 317 -11.67 2.58 -2.67
C LYS A 317 -12.60 3.71 -3.16
N ASP A 318 -12.51 4.89 -2.55
CA ASP A 318 -13.36 6.02 -2.97
C ASP A 318 -12.97 6.67 -4.30
N MET A 319 -11.77 6.40 -4.77
CA MET A 319 -11.31 6.89 -6.07
C MET A 319 -11.93 6.01 -7.16
N GLY A 320 -12.67 4.96 -6.78
CA GLY A 320 -13.17 3.94 -7.74
C GLY A 320 -12.20 2.80 -8.09
N CYS A 321 -11.10 2.65 -7.35
CA CYS A 321 -10.10 1.63 -7.61
C CYS A 321 -10.57 0.28 -7.08
N ASN A 322 -10.38 -0.79 -7.85
CA ASN A 322 -10.80 -2.14 -7.43
C ASN A 322 -9.66 -3.18 -7.37
N ALA A 323 -8.42 -2.75 -7.60
CA ALA A 323 -7.25 -3.65 -7.44
C ALA A 323 -5.93 -2.94 -7.19
N ILE A 324 -5.07 -3.62 -6.47
CA ILE A 324 -3.75 -3.13 -6.15
C ILE A 324 -2.77 -4.22 -6.49
N ARG A 325 -1.61 -3.82 -6.97
CA ARG A 325 -0.52 -4.73 -7.23
C ARG A 325 0.57 -4.42 -6.23
N THR A 326 1.06 -5.46 -5.53
CA THR A 326 2.04 -5.32 -4.48
C THR A 326 3.45 -5.17 -5.03
N SER A 327 3.71 -4.08 -5.69
CA SER A 327 5.02 -3.84 -6.31
C SER A 327 6.07 -3.68 -5.25
N HIS A 328 7.16 -4.48 -5.20
CA HIS A 328 7.39 -5.72 -5.99
C HIS A 328 7.86 -6.84 -5.10
N ASN A 329 6.98 -7.23 -4.18
CA ASN A 329 7.35 -8.09 -3.09
C ASN A 329 6.11 -8.35 -2.28
N PRO A 330 6.12 -9.39 -1.44
CA PRO A 330 4.99 -9.69 -0.58
C PRO A 330 4.71 -8.55 0.43
N PHE A 331 3.45 -8.25 0.67
CA PHE A 331 3.09 -7.30 1.69
C PHE A 331 2.78 -8.04 3.02
N SER A 332 2.20 -7.30 3.96
CA SER A 332 1.87 -7.86 5.25
C SER A 332 0.56 -8.61 5.24
N PRO A 333 0.43 -9.54 6.17
CA PRO A 333 -0.84 -10.20 6.49
C PRO A 333 -1.98 -9.21 6.66
N ALA A 334 -1.76 -8.11 7.39
CA ALA A 334 -2.83 -7.11 7.58
C ALA A 334 -3.37 -6.52 6.26
N PHE A 335 -2.47 -6.28 5.32
CA PHE A 335 -2.91 -5.73 4.03
C PHE A 335 -3.89 -6.69 3.32
N TYR A 336 -3.51 -7.95 3.15
CA TYR A 336 -4.45 -8.90 2.48
C TYR A 336 -5.75 -9.05 3.27
N ASN A 337 -5.65 -9.09 4.59
CA ASN A 337 -6.88 -9.14 5.41
C ASN A 337 -7.82 -7.97 5.15
N LEU A 338 -7.28 -6.76 4.91
CA LEU A 338 -8.15 -5.56 4.64
C LEU A 338 -8.66 -5.49 3.21
N CYS A 339 -7.85 -5.90 2.25
CA CYS A 339 -8.37 -6.06 0.90
C CYS A 339 -9.52 -7.09 0.91
N ASP A 340 -9.41 -8.19 1.64
CA ASP A 340 -10.56 -9.10 1.72
C ASP A 340 -11.81 -8.39 2.27
N THR A 341 -11.73 -7.69 3.39
CA THR A 341 -12.98 -7.13 4.00
C THR A 341 -13.47 -5.87 3.28
N MET A 342 -12.58 -5.19 2.57
CA MET A 342 -12.94 -3.91 1.93
C MET A 342 -13.28 -4.02 0.46
N GLY A 343 -12.85 -5.09 -0.17
CA GLY A 343 -13.26 -5.35 -1.53
C GLY A 343 -12.24 -4.73 -2.44
N ILE A 344 -10.98 -5.11 -2.28
CA ILE A 344 -9.96 -4.74 -3.25
C ILE A 344 -9.25 -6.01 -3.72
N MET A 345 -9.31 -6.27 -5.03
CA MET A 345 -8.61 -7.42 -5.63
C MET A 345 -7.11 -7.18 -5.56
N VAL A 346 -6.33 -8.21 -5.33
CA VAL A 346 -4.88 -8.08 -5.34
C VAL A 346 -4.19 -8.88 -6.45
N LEU A 347 -3.23 -8.25 -7.12
CA LEU A 347 -2.18 -8.94 -7.89
C LEU A 347 -0.94 -9.08 -6.97
N ASN A 348 -0.71 -10.29 -6.46
CA ASN A 348 0.24 -10.47 -5.40
C ASN A 348 1.56 -10.90 -5.99
N GLU A 349 2.55 -10.04 -5.87
CA GLU A 349 3.82 -10.14 -6.58
C GLU A 349 4.89 -10.47 -5.61
N GLY A 350 5.81 -11.37 -5.98
CA GLY A 350 6.71 -11.89 -4.98
C GLY A 350 8.14 -11.44 -5.10
N LEU A 351 8.46 -10.75 -6.19
CA LEU A 351 9.85 -10.51 -6.56
C LEU A 351 9.95 -9.30 -7.45
N ASP A 352 11.13 -8.68 -7.50
CA ASP A 352 11.44 -7.65 -8.47
C ASP A 352 12.24 -8.37 -9.55
N GLY A 353 13.57 -8.34 -9.46
CA GLY A 353 14.45 -9.13 -10.31
C GLY A 353 14.57 -10.57 -9.81
N TRP A 354 15.35 -11.41 -10.50
CA TRP A 354 15.55 -12.80 -10.07
C TRP A 354 16.95 -12.92 -9.56
N ASN A 355 17.86 -13.59 -10.27
CA ASN A 355 19.22 -13.82 -9.74
C ASN A 355 20.27 -12.82 -10.20
N GLN A 356 19.92 -11.91 -11.08
CA GLN A 356 20.79 -10.76 -11.35
C GLN A 356 20.28 -9.58 -10.52
N PRO A 357 21.09 -9.09 -9.56
CA PRO A 357 20.62 -7.93 -8.78
C PRO A 357 20.28 -6.72 -9.64
N LYS A 358 19.25 -5.99 -9.21
CA LYS A 358 18.84 -4.74 -9.86
C LYS A 358 19.32 -3.56 -9.05
N ALA A 359 19.13 -3.59 -7.73
CA ALA A 359 19.91 -2.77 -6.80
C ALA A 359 20.94 -3.71 -6.23
N ALA A 360 22.17 -3.22 -6.06
CA ALA A 360 23.37 -4.08 -5.91
C ALA A 360 23.35 -5.06 -4.74
N ASP A 361 22.63 -4.75 -3.67
CA ASP A 361 22.59 -5.64 -2.52
C ASP A 361 21.20 -6.27 -2.35
N ASP A 362 20.39 -6.29 -3.40
CA ASP A 362 19.04 -6.83 -3.31
C ASP A 362 18.95 -8.36 -3.40
N TYR A 363 17.74 -8.89 -3.55
CA TYR A 363 17.49 -10.32 -3.33
C TYR A 363 18.15 -11.17 -4.41
N GLY A 364 18.42 -10.57 -5.55
CA GLY A 364 19.39 -11.04 -6.51
C GLY A 364 20.54 -11.89 -5.95
N ASN A 365 21.13 -11.43 -4.84
CA ASN A 365 22.27 -12.12 -4.27
C ASN A 365 21.84 -13.40 -3.58
N TYR A 366 20.56 -13.52 -3.20
CA TYR A 366 20.13 -14.66 -2.42
C TYR A 366 19.20 -15.67 -3.16
N PHE A 367 18.73 -15.26 -4.35
CA PHE A 367 17.73 -15.97 -5.15
C PHE A 367 18.04 -17.46 -5.38
N ASP A 368 19.20 -17.75 -5.99
CA ASP A 368 19.51 -19.13 -6.42
C ASP A 368 19.30 -20.10 -5.26
N GLU A 369 19.72 -19.66 -4.08
CA GLU A 369 19.71 -20.46 -2.90
C GLU A 369 18.39 -20.43 -2.16
N TRP A 370 17.60 -19.34 -2.27
CA TRP A 370 16.42 -19.12 -1.41
C TRP A 370 15.07 -19.00 -2.11
N TRP A 371 15.10 -18.86 -3.44
CA TRP A 371 13.87 -18.67 -4.20
C TRP A 371 12.76 -19.68 -3.86
N GLN A 372 13.13 -20.93 -3.60
CA GLN A 372 12.11 -21.93 -3.50
C GLN A 372 11.50 -21.91 -2.12
N LYS A 373 12.32 -21.89 -1.07
CA LYS A 373 11.78 -21.76 0.27
C LYS A 373 10.94 -20.47 0.39
N ASP A 374 11.46 -19.36 -0.11
CA ASP A 374 10.72 -18.07 0.03
C ASP A 374 9.38 -18.07 -0.67
N MET A 375 9.38 -18.36 -1.96
CA MET A 375 8.16 -18.36 -2.74
C MET A 375 7.12 -19.40 -2.24
N THR A 376 7.59 -20.54 -1.72
CA THR A 376 6.70 -21.53 -1.12
C THR A 376 6.03 -20.93 0.10
N ASP A 377 6.82 -20.40 1.02
CA ASP A 377 6.27 -19.73 2.22
C ASP A 377 5.28 -18.59 1.89
N PHE A 378 5.61 -17.81 0.87
CA PHE A 378 4.74 -16.75 0.31
C PHE A 378 3.39 -17.26 -0.15
N ILE A 379 3.41 -18.27 -1.03
CA ILE A 379 2.17 -18.85 -1.61
C ILE A 379 1.33 -19.54 -0.52
N LYS A 380 1.96 -20.28 0.35
CA LYS A 380 1.25 -20.94 1.40
C LYS A 380 0.65 -19.94 2.42
N ARG A 381 1.29 -18.78 2.58
CA ARG A 381 0.72 -17.74 3.47
C ARG A 381 -0.53 -17.11 2.90
N ASP A 382 -0.49 -16.81 1.60
CA ASP A 382 -1.51 -15.96 1.00
C ASP A 382 -2.57 -16.63 0.14
N ARG A 383 -2.42 -17.92 -0.18
CA ARG A 383 -3.32 -18.57 -1.19
C ARG A 383 -4.76 -18.68 -0.77
N ASN A 384 -5.05 -18.50 0.50
CA ASN A 384 -6.46 -18.53 0.91
C ASN A 384 -7.28 -17.23 0.79
N HIS A 385 -6.60 -16.10 0.53
CA HIS A 385 -7.27 -14.77 0.49
C HIS A 385 -8.15 -14.66 -0.77
N PRO A 386 -9.44 -14.47 -0.58
CA PRO A 386 -10.28 -14.24 -1.73
C PRO A 386 -9.93 -12.99 -2.50
N SER A 387 -9.33 -11.99 -1.86
CA SER A 387 -8.94 -10.75 -2.56
C SER A 387 -7.94 -11.02 -3.68
N ILE A 388 -7.06 -11.99 -3.47
CA ILE A 388 -5.97 -12.29 -4.45
C ILE A 388 -6.54 -12.98 -5.69
N ILE A 389 -6.30 -12.40 -6.85
CA ILE A 389 -6.84 -12.94 -8.09
C ILE A 389 -5.76 -13.43 -9.04
N MET A 390 -4.50 -13.12 -8.76
CA MET A 390 -3.42 -13.28 -9.74
C MET A 390 -2.11 -13.13 -8.98
N TRP A 391 -1.09 -13.92 -9.38
CA TRP A 391 0.29 -13.84 -8.87
C TRP A 391 1.22 -13.15 -9.88
N SER A 392 2.32 -12.52 -9.42
CA SER A 392 3.36 -12.06 -10.36
C SER A 392 4.66 -12.64 -9.91
N ILE A 393 5.40 -13.24 -10.82
CA ILE A 393 6.66 -13.88 -10.44
C ILE A 393 7.84 -12.98 -10.64
N GLY A 394 7.60 -11.75 -11.07
CA GLY A 394 8.61 -10.70 -11.04
C GLY A 394 8.25 -9.48 -11.89
N ASN A 395 9.28 -8.70 -12.21
CA ASN A 395 9.09 -7.36 -12.79
C ASN A 395 10.35 -6.87 -13.45
N GLU A 396 10.27 -6.53 -14.73
CA GLU A 396 11.41 -6.06 -15.57
C GLU A 396 12.64 -6.77 -15.12
N VAL A 397 12.63 -8.09 -15.32
CA VAL A 397 13.70 -8.92 -14.85
C VAL A 397 14.90 -8.83 -15.82
N THR A 398 16.11 -8.79 -15.26
CA THR A 398 17.33 -8.73 -16.06
C THR A 398 18.01 -10.11 -15.96
N GLY A 399 18.56 -10.56 -17.08
CA GLY A 399 19.10 -11.92 -17.17
C GLY A 399 18.02 -13.00 -17.03
N ALA A 400 16.83 -12.76 -17.56
CA ALA A 400 15.76 -13.73 -17.39
C ALA A 400 16.17 -15.00 -18.16
N THR A 401 15.82 -16.16 -17.62
CA THR A 401 16.03 -17.42 -18.34
C THR A 401 14.75 -18.27 -18.34
N PRO A 402 14.46 -18.90 -19.49
CA PRO A 402 13.37 -19.90 -19.58
C PRO A 402 13.42 -20.87 -18.39
N GLU A 403 14.60 -21.37 -18.04
CA GLU A 403 14.75 -22.26 -16.93
C GLU A 403 14.20 -21.66 -15.62
N ILE A 404 14.57 -20.39 -15.34
CA ILE A 404 14.08 -19.72 -14.14
C ILE A 404 12.56 -19.46 -14.25
N GLN A 405 12.13 -18.97 -15.41
CA GLN A 405 10.71 -18.70 -15.56
C GLN A 405 9.87 -19.94 -15.33
N HIS A 406 10.31 -21.08 -15.85
CA HIS A 406 9.60 -22.36 -15.68
C HIS A 406 9.62 -22.81 -14.22
N ASN A 407 10.78 -22.70 -13.59
CA ASN A 407 10.88 -23.08 -12.19
C ASN A 407 9.82 -22.37 -11.37
N LEU A 408 9.63 -21.07 -11.61
CA LEU A 408 8.69 -20.23 -10.84
C LEU A 408 7.24 -20.51 -11.19
N VAL A 409 6.91 -20.46 -12.47
CA VAL A 409 5.55 -20.72 -12.91
C VAL A 409 5.07 -22.12 -12.46
N SER A 410 5.93 -23.14 -12.50
CA SER A 410 5.54 -24.46 -12.03
C SER A 410 5.31 -24.51 -10.55
N LEU A 411 6.20 -23.87 -9.79
CA LEU A 411 5.98 -23.81 -8.35
C LEU A 411 4.65 -23.16 -8.05
N PHE A 412 4.35 -22.04 -8.68
CA PHE A 412 3.07 -21.39 -8.41
C PHE A 412 1.91 -22.23 -8.90
N HIS A 413 2.09 -22.89 -10.04
CA HIS A 413 1.01 -23.72 -10.59
C HIS A 413 0.78 -24.90 -9.65
N GLN A 414 1.85 -25.45 -9.11
CA GLN A 414 1.71 -26.59 -8.25
C GLN A 414 1.03 -26.25 -6.94
N LEU A 415 1.50 -25.21 -6.26
CA LEU A 415 0.96 -24.86 -4.94
C LEU A 415 -0.34 -24.11 -5.01
N ASP A 416 -0.64 -23.47 -6.13
CA ASP A 416 -1.97 -22.91 -6.30
C ASP A 416 -2.46 -23.04 -7.74
N PRO A 417 -3.20 -24.12 -8.03
CA PRO A 417 -3.81 -24.36 -9.35
C PRO A 417 -4.99 -23.49 -9.66
N ASP A 418 -5.40 -22.61 -8.75
CA ASP A 418 -6.63 -21.85 -8.94
C ASP A 418 -6.47 -20.41 -9.39
N ARG A 419 -5.26 -19.92 -9.65
CA ARG A 419 -5.05 -18.51 -10.08
C ARG A 419 -3.95 -18.46 -11.09
N PRO A 420 -4.07 -17.52 -12.02
CA PRO A 420 -3.04 -17.35 -13.04
C PRO A 420 -1.78 -16.58 -12.60
N VAL A 421 -0.73 -16.75 -13.39
CA VAL A 421 0.56 -16.20 -13.11
C VAL A 421 0.87 -15.22 -14.24
N THR A 422 1.33 -13.99 -13.87
CA THR A 422 1.93 -13.00 -14.80
C THR A 422 3.32 -12.58 -14.31
N GLN A 423 3.86 -11.56 -14.96
CA GLN A 423 5.18 -11.02 -14.67
C GLN A 423 5.30 -9.64 -15.37
N GLY A 424 5.68 -8.60 -14.65
CA GLY A 424 5.70 -7.25 -15.20
C GLY A 424 6.78 -7.12 -16.25
N GLY A 425 6.44 -6.49 -17.38
CA GLY A 425 7.43 -6.16 -18.40
C GLY A 425 7.77 -7.32 -19.30
N THR A 426 6.78 -8.11 -19.63
CA THR A 426 6.96 -9.35 -20.41
C THR A 426 6.20 -9.28 -21.75
N ASP A 427 5.70 -8.10 -22.10
CA ASP A 427 5.21 -7.82 -23.45
C ASP A 427 6.28 -8.18 -24.45
N PRO A 428 5.92 -8.86 -25.56
CA PRO A 428 6.91 -9.04 -26.65
C PRO A 428 6.99 -7.87 -27.62
N ASN A 441 8.10 -18.22 -23.11
CA ASN A 441 6.88 -17.85 -22.37
C ASN A 441 6.10 -18.97 -21.64
N TYR A 442 6.29 -19.10 -20.33
CA TYR A 442 5.44 -19.98 -19.54
C TYR A 442 4.31 -19.26 -18.78
N LEU A 443 4.07 -17.97 -19.04
CA LEU A 443 3.06 -17.25 -18.27
C LEU A 443 1.66 -17.53 -18.76
N ASP A 444 0.70 -17.38 -17.85
CA ASP A 444 -0.69 -17.46 -18.21
C ASP A 444 -1.20 -16.15 -18.79
N ILE A 445 -0.54 -15.03 -18.45
CA ILE A 445 -1.02 -13.68 -18.79
C ILE A 445 0.16 -12.76 -19.00
N ILE A 446 0.24 -12.15 -20.18
CA ILE A 446 1.32 -11.25 -20.49
C ILE A 446 1.10 -9.94 -19.70
N GLY A 447 2.14 -9.42 -19.05
CA GLY A 447 2.02 -8.15 -18.30
C GLY A 447 2.73 -7.01 -18.98
N PHE A 448 1.99 -6.06 -19.51
CA PHE A 448 2.61 -4.84 -20.11
C PHE A 448 3.10 -3.81 -19.09
N ASN A 449 4.35 -3.40 -19.19
CA ASN A 449 4.82 -2.23 -18.41
C ASN A 449 4.92 -1.01 -19.36
N GLY A 450 5.93 -0.17 -19.17
CA GLY A 450 6.02 1.11 -19.90
C GLY A 450 5.87 1.13 -21.42
N ASN A 451 6.36 0.10 -22.09
CA ASN A 451 6.21 0.01 -23.56
C ASN A 451 4.77 -0.07 -23.95
N GLY A 452 3.91 -0.54 -23.07
CA GLY A 452 2.49 -0.48 -23.39
C GLY A 452 1.98 0.94 -23.62
N GLU A 453 2.81 1.93 -23.27
CA GLU A 453 2.41 3.32 -23.42
C GLU A 453 2.78 3.90 -24.78
N GLU A 454 3.62 3.22 -25.56
CA GLU A 454 4.11 3.79 -26.83
C GLU A 454 3.16 3.56 -27.99
N ILE A 455 3.31 4.39 -29.02
CA ILE A 455 2.38 4.34 -30.14
C ILE A 455 2.40 2.98 -30.84
N GLY A 456 1.21 2.46 -31.10
CA GLY A 456 1.02 1.23 -31.82
C GLY A 456 1.31 -0.09 -31.11
N GLU A 457 1.86 -0.06 -29.91
CA GLU A 457 2.42 -1.25 -29.28
C GLU A 457 1.38 -2.26 -28.85
N LEU A 458 0.36 -1.79 -28.14
CA LEU A 458 -0.71 -2.66 -27.73
C LEU A 458 -1.33 -3.29 -28.98
N GLU A 459 -1.60 -2.48 -30.00
CA GLU A 459 -2.26 -2.93 -31.25
C GLU A 459 -1.48 -4.04 -31.95
N HIS A 460 -0.17 -3.87 -31.98
CA HIS A 460 0.74 -4.79 -32.64
C HIS A 460 0.89 -6.09 -31.88
N PHE A 461 0.85 -6.04 -30.55
CA PHE A 461 0.76 -7.26 -29.77
C PHE A 461 -0.54 -8.00 -30.04
N HIS A 462 -1.65 -7.29 -30.17
CA HIS A 462 -2.96 -7.97 -30.33
C HIS A 462 -3.11 -8.62 -31.72
N LYS A 463 -2.67 -7.90 -32.75
CA LYS A 463 -2.65 -8.45 -34.11
C LYS A 463 -1.84 -9.77 -34.13
N ASN A 464 -0.70 -9.79 -33.46
CA ASN A 464 0.26 -10.89 -33.56
C ASN A 464 0.10 -12.03 -32.57
N TYR A 465 -0.65 -11.80 -31.51
CA TYR A 465 -0.80 -12.77 -30.45
C TYR A 465 -2.21 -12.74 -29.95
N PRO A 466 -3.17 -12.97 -30.85
CA PRO A 466 -4.57 -12.87 -30.45
C PRO A 466 -5.04 -13.98 -29.54
N THR A 467 -4.24 -15.01 -29.28
CA THR A 467 -4.70 -16.05 -28.34
C THR A 467 -4.09 -15.97 -26.95
N LEU A 468 -3.07 -15.11 -26.75
CA LEU A 468 -2.49 -14.80 -25.40
C LEU A 468 -3.35 -13.84 -24.57
N CYS A 469 -3.51 -14.12 -23.28
CA CYS A 469 -4.13 -13.17 -22.35
C CYS A 469 -3.15 -12.04 -21.98
N ALA A 470 -3.66 -10.81 -21.82
CA ALA A 470 -2.80 -9.65 -21.57
C ALA A 470 -3.37 -8.74 -20.47
N ILE A 471 -2.48 -8.14 -19.67
CA ILE A 471 -2.87 -7.13 -18.69
C ILE A 471 -1.75 -6.11 -18.61
N ALA A 472 -2.11 -4.85 -18.31
CA ALA A 472 -1.12 -3.78 -18.16
C ALA A 472 -0.76 -3.81 -16.69
N THR A 473 0.40 -4.35 -16.36
CA THR A 473 0.84 -4.46 -14.99
C THR A 473 1.49 -3.12 -14.48
N GLU A 474 1.84 -2.21 -15.37
CA GLU A 474 2.40 -0.91 -15.00
C GLU A 474 2.23 0.06 -16.11
N VAL A 475 1.02 0.55 -16.25
CA VAL A 475 0.67 1.57 -17.25
C VAL A 475 -0.41 2.44 -16.61
N PRO A 476 -0.26 3.76 -16.62
CA PRO A 476 0.77 4.64 -17.16
C PRO A 476 1.74 5.13 -16.10
N HIS A 477 2.78 5.83 -16.52
CA HIS A 477 3.70 6.53 -15.63
C HIS A 477 3.48 8.02 -15.84
N THR A 478 2.89 8.69 -14.85
CA THR A 478 2.70 10.15 -14.89
C THR A 478 3.26 10.74 -13.63
N TYR A 479 3.73 11.97 -13.76
CA TYR A 479 4.43 12.67 -12.71
C TYR A 479 3.65 13.92 -12.34
N GLN A 480 3.48 14.16 -11.06
CA GLN A 480 2.74 15.31 -10.61
C GLN A 480 3.07 15.60 -9.17
N THR A 481 3.17 16.89 -8.82
CA THR A 481 3.33 17.35 -7.42
C THR A 481 2.07 18.12 -6.92
N ARG A 482 1.65 17.86 -5.69
CA ARG A 482 0.47 18.54 -5.17
C ARG A 482 0.59 20.09 -5.24
N GLY A 483 -0.48 20.75 -5.64
CA GLY A 483 -0.51 22.21 -5.64
C GLY A 483 0.40 22.96 -6.59
N VAL A 484 1.12 22.27 -7.48
CA VAL A 484 1.96 22.88 -8.51
C VAL A 484 1.28 22.74 -9.86
N TYR A 485 1.32 23.79 -10.68
CA TYR A 485 0.74 23.78 -12.04
C TYR A 485 1.70 24.40 -13.08
N ARG A 486 1.77 23.77 -14.27
CA ARG A 486 2.38 24.38 -15.47
C ARG A 486 1.42 24.28 -16.65
N SER A 487 1.18 25.38 -17.38
CA SER A 487 0.19 25.35 -18.47
C SER A 487 0.77 24.73 -19.75
N GLN A 488 2.03 24.40 -19.71
CA GLN A 488 2.64 23.76 -20.85
C GLN A 488 3.16 22.41 -20.50
N THR A 489 3.04 21.52 -21.45
CA THR A 489 3.44 20.13 -21.28
C THR A 489 4.91 19.96 -21.00
N GLN A 490 5.19 19.07 -20.07
CA GLN A 490 6.55 18.60 -19.82
C GLN A 490 6.63 17.08 -20.13
N TRP A 491 7.76 16.68 -20.70
CA TRP A 491 8.07 15.30 -21.00
C TRP A 491 9.34 14.94 -20.26
N ARG A 492 9.26 13.86 -19.47
CA ARG A 492 10.34 13.46 -18.59
C ARG A 492 11.71 13.46 -19.21
N ARG A 493 11.86 12.84 -20.37
CA ARG A 493 13.17 12.69 -21.01
C ARG A 493 13.87 14.03 -21.28
N ARG A 494 13.10 15.06 -21.63
CA ARG A 494 13.63 16.38 -21.86
C ARG A 494 13.63 17.28 -20.60
N ASP A 495 12.56 17.20 -19.80
CA ASP A 495 12.34 18.21 -18.76
C ASP A 495 12.62 17.80 -17.32
N PHE A 496 12.59 16.51 -17.02
CA PHE A 496 12.92 16.01 -15.68
C PHE A 496 13.43 14.57 -15.76
N PRO A 497 14.52 14.35 -16.50
CA PRO A 497 14.97 13.00 -16.83
C PRO A 497 15.30 12.14 -15.62
N ALA A 498 15.01 10.85 -15.73
CA ALA A 498 15.41 9.88 -14.73
C ALA A 498 16.92 9.74 -14.82
N PRO A 499 17.54 9.14 -13.78
CA PRO A 499 19.00 9.05 -13.76
C PRO A 499 19.62 8.27 -14.91
N TRP A 500 18.87 7.42 -15.60
CA TRP A 500 19.41 6.79 -16.81
C TRP A 500 19.12 7.54 -18.10
N GLU A 501 18.75 8.81 -18.04
CA GLU A 501 18.34 9.56 -19.24
C GLU A 501 19.08 10.91 -19.36
N PHE A 510 12.48 10.10 -30.16
CA PHE A 510 11.44 9.64 -29.26
C PHE A 510 10.11 10.36 -29.51
N LYS A 511 10.16 11.67 -29.82
CA LYS A 511 8.94 12.46 -30.16
C LYS A 511 7.83 11.68 -30.87
N HIS A 512 8.24 10.81 -31.78
CA HIS A 512 7.32 10.12 -32.68
C HIS A 512 6.59 8.98 -31.98
N ARG A 513 7.05 8.60 -30.78
CA ARG A 513 6.42 7.51 -30.05
C ARG A 513 5.57 7.88 -28.88
N VAL A 514 5.38 9.16 -28.57
CA VAL A 514 4.47 9.52 -27.49
C VAL A 514 3.07 9.84 -28.02
N PHE A 515 2.07 9.73 -27.17
CA PHE A 515 0.75 10.23 -27.52
C PHE A 515 0.75 11.73 -27.14
N PRO A 516 0.61 12.62 -28.13
CA PRO A 516 0.74 14.04 -27.86
C PRO A 516 -0.17 14.59 -26.76
N ILE A 517 0.34 15.56 -26.01
CA ILE A 517 -0.45 16.28 -25.03
C ILE A 517 -0.30 17.76 -25.34
N PRO A 518 -1.23 18.34 -26.09
CA PRO A 518 -1.03 19.77 -26.42
C PRO A 518 -0.97 20.72 -25.20
N ASP A 519 -0.22 21.79 -25.36
CA ASP A 519 -0.15 22.82 -24.37
C ASP A 519 -1.52 23.40 -24.09
N LEU A 520 -1.77 23.77 -22.85
CA LEU A 520 -3.03 24.40 -22.48
C LEU A 520 -3.09 25.89 -22.93
N THR A 521 -1.98 26.60 -22.87
CA THR A 521 -1.87 27.95 -23.40
C THR A 521 -0.61 28.10 -24.30
N GLU A 522 -0.62 29.08 -25.20
CA GLU A 522 0.55 29.39 -26.07
C GLU A 522 1.78 29.84 -25.28
N LYS A 523 1.55 30.65 -24.26
CA LYS A 523 2.61 31.15 -23.41
C LYS A 523 2.28 30.58 -22.04
N GLU A 524 3.30 30.29 -21.24
CA GLU A 524 3.14 29.67 -19.93
C GLU A 524 2.45 30.60 -18.93
N CYS A 525 1.50 30.08 -18.15
CA CYS A 525 0.76 30.90 -17.18
C CYS A 525 1.37 30.96 -15.78
N PHE A 526 2.24 30.01 -15.46
CA PHE A 526 2.87 29.96 -14.16
C PHE A 526 4.37 29.91 -14.30
N PRO A 527 4.96 30.95 -14.91
CA PRO A 527 6.41 30.91 -15.14
C PRO A 527 7.19 30.94 -13.85
N GLU A 528 6.60 31.42 -12.76
CA GLU A 528 7.26 31.38 -11.46
C GLU A 528 7.54 29.95 -11.02
N GLU A 529 6.85 28.95 -11.59
CA GLU A 529 7.15 27.56 -11.20
C GLU A 529 8.44 27.02 -11.77
N SER A 530 9.01 27.66 -12.81
CA SER A 530 10.35 27.24 -13.35
C SER A 530 11.49 27.21 -12.34
N ASP A 531 11.22 27.78 -11.16
CA ASP A 531 12.17 27.86 -10.10
C ASP A 531 12.10 26.64 -9.20
N TYR A 532 11.13 25.75 -9.44
CA TYR A 532 11.04 24.46 -8.73
C TYR A 532 11.13 23.31 -9.73
N PRO A 533 12.31 23.09 -10.32
CA PRO A 533 12.43 22.04 -11.30
C PRO A 533 12.22 20.63 -10.74
N TYR A 534 12.09 20.47 -9.43
CA TYR A 534 11.88 19.14 -8.88
C TYR A 534 10.43 18.83 -8.58
N TYR A 535 9.53 19.67 -9.11
CA TYR A 535 8.11 19.52 -8.95
C TYR A 535 7.50 19.45 -10.34
N GLN A 536 6.51 18.57 -10.53
CA GLN A 536 5.84 18.42 -11.84
C GLN A 536 4.40 18.88 -11.72
N SER A 537 3.85 19.29 -12.85
CA SER A 537 2.51 19.87 -12.93
C SER A 537 1.38 18.90 -12.52
N SER A 538 0.36 19.41 -11.82
CA SER A 538 -0.84 18.63 -11.46
C SER A 538 -1.96 18.81 -12.48
N TYR A 539 -1.72 19.48 -13.61
CA TYR A 539 -2.60 19.27 -14.74
C TYR A 539 -2.24 17.84 -15.28
N ASP A 540 -2.97 17.35 -16.29
CA ASP A 540 -2.68 16.04 -16.84
C ASP A 540 -1.63 16.22 -17.94
N ASN A 541 -0.46 16.77 -17.62
CA ASN A 541 0.43 17.20 -18.64
C ASN A 541 1.93 17.13 -18.35
N ALA A 542 2.31 16.36 -17.33
CA ALA A 542 3.69 16.05 -17.08
C ALA A 542 3.79 14.50 -17.11
N SER A 543 4.43 13.95 -18.14
CA SER A 543 4.45 12.50 -18.32
C SER A 543 5.69 12.04 -19.07
N VAL A 544 5.71 10.72 -19.32
CA VAL A 544 6.80 10.04 -20.03
C VAL A 544 6.42 9.74 -21.45
N ARG A 545 5.23 9.19 -21.64
CA ARG A 545 4.75 8.82 -22.97
C ARG A 545 3.30 9.13 -23.24
N ILE A 546 2.49 9.27 -22.19
CA ILE A 546 1.03 9.31 -22.38
C ILE A 546 0.35 9.97 -21.18
N SER A 547 -0.76 10.68 -21.41
CA SER A 547 -1.57 11.14 -20.29
C SER A 547 -2.32 10.03 -19.54
N ALA A 548 -2.74 10.38 -18.31
CA ALA A 548 -3.51 9.50 -17.46
C ALA A 548 -4.85 9.19 -18.18
N ARG A 549 -5.48 10.24 -18.68
CA ARG A 549 -6.75 10.08 -19.37
C ARG A 549 -6.60 9.20 -20.62
N LYS A 550 -5.64 9.52 -21.47
CA LYS A 550 -5.45 8.77 -22.71
C LYS A 550 -5.14 7.30 -22.41
N SER A 551 -4.30 7.02 -21.42
CA SER A 551 -4.02 5.65 -21.07
C SER A 551 -5.33 4.90 -20.86
N TRP A 552 -6.19 5.46 -20.00
CA TRP A 552 -7.38 4.78 -19.58
C TRP A 552 -8.35 4.66 -20.73
N GLN A 553 -8.38 5.64 -21.60
CA GLN A 553 -9.27 5.56 -22.78
C GLN A 553 -8.87 4.39 -23.70
N ARG A 554 -7.55 4.24 -23.89
CA ARG A 554 -6.98 3.16 -24.65
C ARG A 554 -7.25 1.79 -24.00
N THR A 555 -7.09 1.72 -22.69
CA THR A 555 -7.29 0.47 -22.00
C THR A 555 -8.73 0.02 -22.19
N CYS A 556 -9.63 0.98 -22.19
CA CYS A 556 -11.07 0.73 -22.40
C CYS A 556 -11.41 0.40 -23.85
N SER A 557 -10.63 0.90 -24.79
CA SER A 557 -10.89 0.67 -26.17
C SER A 557 -10.54 -0.78 -26.54
N PHE A 558 -9.74 -1.46 -25.71
CA PHE A 558 -9.27 -2.81 -25.98
C PHE A 558 -9.90 -3.87 -25.06
N PRO A 559 -11.00 -4.51 -25.46
CA PRO A 559 -11.68 -5.49 -24.59
C PRO A 559 -10.80 -6.65 -24.19
N TRP A 560 -9.80 -6.94 -25.03
CA TRP A 560 -8.84 -8.01 -24.78
C TRP A 560 -7.83 -7.69 -23.69
N LEU A 561 -7.69 -6.43 -23.29
CA LEU A 561 -6.74 -6.04 -22.25
C LEU A 561 -7.52 -5.95 -20.92
N MET A 562 -7.16 -6.81 -19.98
CA MET A 562 -7.96 -7.00 -18.78
C MET A 562 -8.08 -5.70 -17.99
N GLY A 563 -7.11 -4.82 -18.14
CA GLY A 563 -7.01 -3.58 -17.35
C GLY A 563 -5.58 -3.10 -17.14
N GLU A 564 -5.46 -2.10 -16.27
CA GLU A 564 -4.18 -1.47 -16.00
C GLU A 564 -4.03 -1.15 -14.51
N PHE A 565 -2.78 -1.20 -14.08
CA PHE A 565 -2.32 -0.82 -12.77
C PHE A 565 -1.40 0.36 -13.04
N ARG A 566 -1.85 1.59 -12.77
CA ARG A 566 -0.93 2.76 -12.90
C ARG A 566 0.25 2.66 -11.95
N TRP A 567 1.41 3.14 -12.40
CA TRP A 567 2.50 3.41 -11.49
C TRP A 567 2.14 4.63 -10.62
N GLY A 568 2.21 4.43 -9.33
CA GLY A 568 2.16 5.53 -8.38
C GLY A 568 0.75 5.73 -7.88
N SER A 569 0.45 5.15 -6.72
CA SER A 569 -0.76 5.51 -6.02
C SER A 569 -0.36 6.66 -5.04
N PHE A 570 0.16 6.29 -3.88
CA PHE A 570 0.75 7.25 -2.98
C PHE A 570 2.17 7.53 -3.40
N ASP A 571 2.62 8.79 -3.30
CA ASP A 571 4.07 9.04 -3.41
C ASP A 571 4.69 8.18 -2.30
N TYR A 572 5.89 7.61 -2.57
CA TYR A 572 6.51 6.66 -1.64
C TYR A 572 7.95 7.05 -1.39
N LEU A 573 8.49 6.75 -0.23
CA LEU A 573 9.85 7.20 0.03
C LEU A 573 10.87 6.55 -0.93
N GLY A 574 11.85 7.33 -1.36
CA GLY A 574 12.94 6.83 -2.18
C GLY A 574 12.77 7.00 -3.67
N GLU A 575 13.63 6.32 -4.41
CA GLU A 575 13.62 6.38 -5.89
C GLU A 575 13.55 7.82 -6.43
N ALA A 576 14.40 8.68 -5.89
CA ALA A 576 14.44 10.04 -6.38
C ALA A 576 15.80 10.62 -6.06
N GLU A 577 16.36 11.31 -7.06
CA GLU A 577 17.66 11.98 -6.91
C GLU A 577 17.62 13.08 -5.85
N TRP A 578 18.69 13.26 -5.11
CA TRP A 578 18.81 14.40 -4.22
C TRP A 578 18.59 15.68 -5.03
N PRO A 579 17.84 16.65 -4.50
CA PRO A 579 17.41 16.77 -3.10
C PRO A 579 16.02 16.25 -2.77
N GLN A 580 15.44 15.39 -3.64
CA GLN A 580 14.15 14.72 -3.38
C GLN A 580 14.24 13.57 -2.39
N ARG A 581 13.37 13.59 -1.38
CA ARG A 581 13.17 12.45 -0.51
C ARG A 581 12.16 11.44 -1.09
N CYS A 582 11.34 11.88 -2.04
CA CYS A 582 10.47 10.95 -2.71
C CYS A 582 10.17 11.48 -4.08
N GLY A 583 9.63 10.59 -4.93
CA GLY A 583 9.33 10.90 -6.32
C GLY A 583 7.98 11.57 -6.43
N ASN A 584 7.69 12.03 -7.65
CA ASN A 584 6.39 12.59 -7.97
C ASN A 584 5.44 11.57 -8.67
N PHE A 585 5.54 10.29 -8.34
CA PHE A 585 4.91 9.21 -9.15
C PHE A 585 3.42 9.08 -8.89
N GLY A 586 3.03 9.35 -7.66
CA GLY A 586 1.66 9.10 -7.22
C GLY A 586 0.68 10.22 -7.46
N ILE A 587 -0.58 9.82 -7.50
CA ILE A 587 -1.69 10.73 -7.68
C ILE A 587 -2.21 11.25 -6.33
N ILE A 588 -1.67 10.68 -5.25
CA ILE A 588 -1.89 11.13 -3.88
C ILE A 588 -0.48 11.33 -3.28
N ASP A 589 -0.29 12.35 -2.43
CA ASP A 589 1.06 12.74 -1.95
C ASP A 589 1.47 11.86 -0.80
N ILE A 590 2.68 12.02 -0.32
CA ILE A 590 3.23 11.10 0.65
C ILE A 590 2.56 11.20 2.01
N ALA A 591 1.75 12.25 2.22
CA ALA A 591 0.99 12.42 3.48
C ALA A 591 -0.49 12.05 3.37
N ALA A 592 -0.86 11.45 2.23
CA ALA A 592 -2.23 10.96 1.98
C ALA A 592 -3.21 12.07 1.63
N ILE A 593 -2.70 13.11 1.00
CA ILE A 593 -3.53 14.17 0.46
C ILE A 593 -3.68 14.01 -1.07
N PRO A 594 -4.91 13.85 -1.57
CA PRO A 594 -5.15 13.70 -2.97
C PRO A 594 -4.58 14.84 -3.79
N LYS A 595 -3.92 14.53 -4.90
CA LYS A 595 -3.53 15.52 -5.87
C LYS A 595 -4.72 15.65 -6.82
N ASP A 596 -4.69 16.56 -7.78
CA ASP A 596 -5.78 16.61 -8.73
C ASP A 596 -5.97 15.30 -9.53
N ALA A 597 -4.87 14.61 -9.83
CA ALA A 597 -4.96 13.37 -10.59
C ALA A 597 -5.89 12.36 -9.87
N TYR A 598 -5.90 12.34 -8.54
CA TYR A 598 -6.89 11.52 -7.80
C TYR A 598 -8.30 11.71 -8.32
N PHE A 599 -8.71 12.98 -8.45
CA PHE A 599 -10.05 13.29 -8.91
C PHE A 599 -10.27 13.02 -10.42
N LEU A 600 -9.18 13.01 -11.19
CA LEU A 600 -9.24 12.59 -12.60
C LEU A 600 -9.65 11.12 -12.67
N TYR A 601 -8.91 10.24 -11.98
CA TYR A 601 -9.32 8.86 -11.85
C TYR A 601 -10.74 8.73 -11.26
N GLN A 602 -11.03 9.34 -10.09
CA GLN A 602 -12.42 9.28 -9.56
C GLN A 602 -13.44 9.58 -10.66
N SER A 603 -13.14 10.50 -11.57
CA SER A 603 -14.13 10.96 -12.55
C SER A 603 -14.34 9.95 -13.70
N LEU A 604 -13.36 9.08 -13.87
CA LEU A 604 -13.37 8.04 -14.89
C LEU A 604 -13.79 6.68 -14.34
N TRP A 605 -13.59 6.44 -13.03
CA TRP A 605 -13.76 5.13 -12.46
C TRP A 605 -15.00 4.99 -11.59
N THR A 606 -15.71 6.08 -11.30
CA THR A 606 -16.94 6.05 -10.47
C THR A 606 -18.16 6.69 -11.20
N ASP A 607 -19.34 6.38 -10.68
CA ASP A 607 -20.63 6.81 -11.22
C ASP A 607 -21.33 7.96 -10.48
N LYS A 608 -21.17 8.02 -9.17
CA LYS A 608 -21.86 9.03 -8.39
C LYS A 608 -21.47 10.41 -8.98
N PRO A 609 -22.47 11.26 -9.24
CA PRO A 609 -22.10 12.46 -9.98
C PRO A 609 -21.13 13.36 -9.22
N MET A 610 -20.09 13.83 -9.90
CA MET A 610 -19.04 14.63 -9.29
C MET A 610 -18.53 15.61 -10.33
N VAL A 611 -17.91 16.71 -9.87
CA VAL A 611 -17.17 17.62 -10.75
C VAL A 611 -15.97 18.19 -9.96
N HIS A 612 -14.85 18.39 -10.64
CA HIS A 612 -13.64 18.88 -10.00
C HIS A 612 -12.93 19.93 -10.86
N LEU A 613 -12.56 21.03 -10.23
CA LEU A 613 -12.00 22.19 -10.92
C LEU A 613 -10.53 22.30 -10.53
N LEU A 614 -9.70 22.70 -11.47
CA LEU A 614 -8.29 23.05 -11.21
C LEU A 614 -7.89 24.21 -12.12
N PRO A 615 -6.87 24.96 -11.73
CA PRO A 615 -6.21 24.98 -10.46
C PRO A 615 -7.07 25.77 -9.51
N HIS A 616 -6.50 26.26 -8.43
CA HIS A 616 -7.22 27.15 -7.50
C HIS A 616 -7.48 28.50 -8.12
N TRP A 617 -8.04 29.42 -7.34
CA TRP A 617 -8.31 30.76 -7.82
C TRP A 617 -7.62 31.86 -6.98
N THR A 618 -6.40 31.59 -6.52
CA THR A 618 -5.61 32.57 -5.80
C THR A 618 -4.38 32.88 -6.65
N HIS A 619 -4.47 33.89 -7.52
CA HIS A 619 -3.37 34.24 -8.40
C HIS A 619 -2.93 35.71 -8.34
N PRO A 620 -2.56 36.19 -7.15
CA PRO A 620 -2.26 37.63 -7.07
C PRO A 620 -1.03 38.00 -7.90
N GLY A 621 -1.12 39.08 -8.66
CA GLY A 621 -0.10 39.44 -9.63
C GLY A 621 -0.55 39.17 -11.06
N LYS A 622 -1.59 38.33 -11.24
CA LYS A 622 -1.96 37.87 -12.60
C LYS A 622 -3.30 38.37 -13.09
N GLU A 623 -3.77 39.47 -12.49
CA GLU A 623 -5.00 40.12 -12.89
C GLU A 623 -4.92 40.41 -14.36
N GLY A 624 -5.96 40.03 -15.06
CA GLY A 624 -6.03 40.22 -16.49
C GLY A 624 -5.47 39.06 -17.30
N LYS A 625 -4.55 38.29 -16.74
CA LYS A 625 -3.87 37.21 -17.45
C LYS A 625 -4.73 35.94 -17.54
N THR A 626 -4.49 35.16 -18.58
CA THR A 626 -5.18 33.90 -18.77
C THR A 626 -4.71 32.81 -17.81
N ILE A 627 -5.65 32.28 -17.02
CA ILE A 627 -5.47 31.09 -16.23
C ILE A 627 -6.30 30.01 -16.97
N PRO A 628 -5.72 28.83 -17.27
CA PRO A 628 -6.51 27.78 -17.86
C PRO A 628 -7.23 27.01 -16.78
N VAL A 629 -8.55 27.07 -16.79
CA VAL A 629 -9.33 26.38 -15.79
C VAL A 629 -9.90 25.11 -16.37
N VAL A 630 -9.52 24.02 -15.74
CA VAL A 630 -9.76 22.70 -16.29
C VAL A 630 -10.73 21.92 -15.42
N ILE A 631 -11.71 21.27 -16.05
CA ILE A 631 -12.66 20.46 -15.33
C ILE A 631 -12.60 18.96 -15.66
N TYR A 632 -12.66 18.16 -14.59
CA TYR A 632 -12.88 16.72 -14.65
C TYR A 632 -14.28 16.47 -14.13
N THR A 633 -14.98 15.51 -14.72
CA THR A 633 -16.38 15.24 -14.37
C THR A 633 -16.83 13.94 -14.93
N ASN A 634 -17.88 13.39 -14.30
CA ASN A 634 -18.70 12.32 -14.90
C ASN A 634 -20.14 12.76 -15.22
N CYS A 635 -20.41 14.07 -15.32
CA CYS A 635 -21.76 14.56 -15.65
C CYS A 635 -21.98 14.67 -17.16
N ASP A 636 -23.18 15.03 -17.57
CA ASP A 636 -23.47 15.22 -19.01
C ASP A 636 -22.82 16.51 -19.54
N ALA A 637 -22.77 17.54 -18.69
CA ALA A 637 -22.23 18.83 -19.08
C ALA A 637 -21.84 19.67 -17.85
N VAL A 638 -20.99 20.66 -18.06
CA VAL A 638 -20.55 21.54 -16.98
C VAL A 638 -20.54 23.02 -17.41
N GLU A 639 -21.08 23.87 -16.55
CA GLU A 639 -21.07 25.30 -16.78
C GLU A 639 -20.17 25.94 -15.70
N LEU A 640 -19.27 26.83 -16.14
CA LEU A 640 -18.33 27.55 -15.29
C LEU A 640 -18.75 29.03 -15.06
N PHE A 641 -18.58 29.50 -13.83
CA PHE A 641 -19.06 30.81 -13.40
C PHE A 641 -17.94 31.53 -12.64
N ILE A 642 -17.72 32.80 -12.97
CA ILE A 642 -16.81 33.64 -12.19
C ILE A 642 -17.73 34.71 -11.52
N ASN A 643 -17.74 34.74 -10.19
CA ASN A 643 -18.71 35.56 -9.42
C ASN A 643 -20.13 35.47 -9.93
N ASN A 644 -20.57 34.26 -10.26
CA ASN A 644 -21.93 34.00 -10.72
C ASN A 644 -22.32 34.60 -12.05
N VAL A 645 -21.33 34.99 -12.87
CA VAL A 645 -21.55 35.28 -14.30
C VAL A 645 -21.06 34.06 -15.11
N SER A 646 -21.85 33.60 -16.07
CA SER A 646 -21.58 32.38 -16.79
C SER A 646 -20.48 32.59 -17.80
N LEU A 647 -19.47 31.71 -17.78
CA LEU A 647 -18.47 31.63 -18.84
C LEU A 647 -18.83 30.60 -19.92
N GLY A 648 -20.04 30.05 -19.86
CA GLY A 648 -20.55 29.20 -20.93
C GLY A 648 -20.60 27.75 -20.52
N SER A 649 -21.50 27.01 -21.15
CA SER A 649 -21.71 25.58 -20.85
C SER A 649 -21.03 24.70 -21.87
N LYS A 650 -20.42 23.61 -21.43
CA LYS A 650 -19.76 22.69 -22.36
C LYS A 650 -20.20 21.25 -22.14
N PRO A 651 -20.49 20.53 -23.22
CA PRO A 651 -20.92 19.16 -22.98
C PRO A 651 -19.74 18.26 -22.68
N TYR A 652 -19.98 17.19 -21.93
CA TYR A 652 -18.93 16.26 -21.58
C TYR A 652 -19.02 15.04 -22.47
N THR A 653 -17.98 14.82 -23.25
CA THR A 653 -17.97 13.72 -24.19
C THR A 653 -16.73 12.89 -23.99
N GLY A 654 -16.14 12.94 -22.80
CA GLY A 654 -14.95 12.15 -22.50
C GLY A 654 -13.63 12.90 -22.37
N GLU A 655 -13.54 14.15 -22.81
CA GLU A 655 -12.28 14.91 -22.59
C GLU A 655 -12.39 15.84 -21.39
N GLN A 656 -11.24 16.26 -20.86
CA GLN A 656 -11.20 17.28 -19.82
C GLN A 656 -11.75 18.61 -20.40
N LEU A 657 -12.60 19.31 -19.63
CA LEU A 657 -13.17 20.60 -20.10
C LEU A 657 -12.26 21.83 -19.73
N ILE A 658 -11.85 22.60 -20.74
CA ILE A 658 -11.00 23.77 -20.51
C ILE A 658 -11.75 25.07 -20.84
N TRP A 659 -11.62 26.04 -19.95
CA TRP A 659 -12.06 27.43 -20.23
C TRP A 659 -10.83 28.26 -20.03
N LEU A 660 -10.49 29.14 -20.96
CA LEU A 660 -9.40 30.07 -20.70
C LEU A 660 -9.94 31.36 -20.06
N VAL A 661 -9.61 31.60 -18.81
CA VAL A 661 -10.26 32.66 -18.03
C VAL A 661 -9.30 33.78 -17.55
N PRO A 662 -9.58 35.03 -17.99
CA PRO A 662 -8.81 36.18 -17.45
C PRO A 662 -9.01 36.28 -15.94
N TYR A 663 -7.93 36.33 -15.19
CA TYR A 663 -8.06 36.31 -13.72
C TYR A 663 -8.60 37.60 -13.13
N SER A 664 -9.73 37.53 -12.42
CA SER A 664 -10.18 38.59 -11.49
C SER A 664 -10.45 37.89 -10.18
N PRO A 665 -10.08 38.51 -9.06
CA PRO A 665 -10.35 37.83 -7.81
C PRO A 665 -11.82 37.66 -7.58
N GLY A 666 -12.21 36.59 -6.89
CA GLY A 666 -13.62 36.26 -6.66
C GLY A 666 -13.87 34.79 -6.40
N LYS A 667 -15.07 34.32 -6.72
CA LYS A 667 -15.46 32.95 -6.48
C LYS A 667 -15.64 32.28 -7.83
N ILE A 668 -14.75 31.36 -8.16
CA ILE A 668 -14.90 30.56 -9.39
C ILE A 668 -15.66 29.25 -9.10
N GLU A 669 -16.64 28.92 -9.92
CA GLU A 669 -17.49 27.75 -9.66
C GLU A 669 -17.92 26.99 -10.93
N ALA A 670 -17.71 25.69 -10.92
CA ALA A 670 -18.13 24.77 -11.98
C ALA A 670 -19.40 24.03 -11.53
N ARG A 671 -20.46 24.06 -12.35
CA ARG A 671 -21.73 23.35 -12.02
C ARG A 671 -21.92 22.16 -12.94
N GLY A 672 -22.07 20.99 -12.35
CA GLY A 672 -22.21 19.73 -13.09
C GLY A 672 -23.65 19.35 -13.30
N ILE A 673 -24.03 19.13 -14.57
CA ILE A 673 -25.43 18.95 -14.97
C ILE A 673 -25.69 17.53 -15.51
N LYS A 674 -26.73 16.88 -14.98
CA LYS A 674 -27.27 15.62 -15.54
C LYS A 674 -28.76 15.75 -15.84
N LYS A 675 -29.12 15.47 -17.10
CA LYS A 675 -30.51 15.50 -17.53
C LYS A 675 -31.09 16.89 -17.29
N GLY A 676 -30.33 17.93 -17.58
CA GLY A 676 -30.75 19.29 -17.26
C GLY A 676 -30.75 19.69 -15.79
N LYS A 677 -30.55 18.77 -14.84
CA LYS A 677 -30.48 19.12 -13.42
C LYS A 677 -29.03 19.36 -13.00
N ILE A 678 -28.77 20.38 -12.17
CA ILE A 678 -27.44 20.58 -11.59
C ILE A 678 -27.33 19.60 -10.44
N VAL A 679 -26.33 18.72 -10.46
CA VAL A 679 -26.23 17.65 -9.45
C VAL A 679 -24.93 17.62 -8.67
N ALA A 680 -23.97 18.48 -9.03
CA ALA A 680 -22.67 18.52 -8.38
C ALA A 680 -22.03 19.88 -8.60
N THR A 681 -21.18 20.34 -7.68
CA THR A 681 -20.50 21.64 -7.88
C THR A 681 -19.10 21.57 -7.31
N ASP A 682 -18.22 22.43 -7.79
CA ASP A 682 -16.92 22.58 -7.19
C ASP A 682 -16.57 24.06 -7.32
N CYS A 683 -15.87 24.62 -6.35
CA CYS A 683 -15.51 26.03 -6.44
C CYS A 683 -14.25 26.39 -5.68
N TYR A 684 -13.75 27.58 -5.97
CA TYR A 684 -12.62 28.13 -5.24
C TYR A 684 -12.85 29.63 -5.06
N GLN A 685 -12.34 30.18 -3.95
CA GLN A 685 -12.29 31.64 -3.75
C GLN A 685 -10.85 32.10 -3.68
N SER A 686 -10.59 33.31 -4.17
CA SER A 686 -9.25 33.93 -4.05
C SER A 686 -8.92 34.19 -2.61
N ALA A 687 -7.77 33.71 -2.12
CA ALA A 687 -7.39 33.90 -0.73
C ALA A 687 -6.56 35.16 -0.48
N GLU A 688 -6.71 35.69 0.73
CA GLU A 688 -5.93 36.82 1.23
C GLU A 688 -4.75 36.25 2.02
N ALA A 689 -3.99 37.09 2.73
CA ALA A 689 -2.82 36.64 3.48
C ALA A 689 -3.27 35.64 4.52
N PRO A 690 -2.39 34.68 4.84
CA PRO A 690 -2.66 33.70 5.89
C PRO A 690 -2.98 34.32 7.23
N HIS A 691 -3.86 33.67 7.98
CA HIS A 691 -4.39 34.22 9.23
C HIS A 691 -4.58 33.18 10.34
N SER A 692 -5.09 32.00 10.02
CA SER A 692 -5.21 30.92 11.04
C SER A 692 -5.10 29.53 10.40
N VAL A 693 -5.45 28.49 11.14
CA VAL A 693 -5.48 27.16 10.56
C VAL A 693 -6.87 26.51 10.70
N ALA A 694 -7.20 25.61 9.79
CA ALA A 694 -8.40 24.78 9.91
C ALA A 694 -7.90 23.38 10.21
N LEU A 695 -8.51 22.73 11.20
CA LEU A 695 -8.13 21.39 11.60
C LEU A 695 -9.29 20.46 11.25
N ALA A 696 -8.96 19.28 10.70
CA ALA A 696 -9.95 18.29 10.32
C ALA A 696 -9.41 16.96 10.74
N SER A 697 -10.15 16.19 11.53
CA SER A 697 -9.68 14.89 12.02
C SER A 697 -10.54 13.76 11.50
N ASN A 698 -9.93 12.61 11.26
CA ASN A 698 -10.68 11.40 10.89
C ASN A 698 -11.44 10.75 12.09
N LYS A 699 -10.95 10.94 13.33
CA LYS A 699 -11.61 10.45 14.56
C LYS A 699 -11.62 11.50 15.69
N TYR A 700 -12.59 11.38 16.59
CA TYR A 700 -12.62 12.21 17.79
C TYR A 700 -12.74 11.41 19.09
N SER A 701 -12.63 10.08 19.03
CA SER A 701 -12.55 9.20 20.22
C SER A 701 -11.50 8.13 19.91
N VAL A 702 -10.75 7.66 20.91
CA VAL A 702 -9.72 6.63 20.66
C VAL A 702 -9.47 5.78 21.94
N LYS A 703 -9.42 4.45 21.81
CA LYS A 703 -9.26 3.56 22.97
C LYS A 703 -7.82 3.59 23.50
N ALA A 704 -7.67 3.84 24.81
CA ALA A 704 -6.33 4.00 25.44
C ALA A 704 -5.45 2.78 25.27
N GLY A 705 -4.16 3.01 25.07
CA GLY A 705 -3.19 1.92 24.89
C GLY A 705 -3.28 1.13 23.57
N SER A 706 -4.30 1.42 22.75
CA SER A 706 -4.49 0.72 21.48
C SER A 706 -3.47 1.26 20.51
N ASP A 707 -3.51 0.78 19.28
CA ASP A 707 -2.59 1.26 18.24
C ASP A 707 -3.35 2.11 17.20
N GLU A 708 -4.58 2.54 17.52
CA GLU A 708 -5.34 3.44 16.66
C GLU A 708 -4.56 4.70 16.33
N VAL A 709 -4.99 5.38 15.27
CA VAL A 709 -4.31 6.58 14.78
C VAL A 709 -5.28 7.71 14.52
N ILE A 710 -4.93 8.89 15.02
CA ILE A 710 -5.72 10.09 14.78
C ILE A 710 -4.96 10.83 13.70
N ARG A 711 -5.62 11.11 12.58
CA ARG A 711 -4.98 11.80 11.46
C ARG A 711 -5.58 13.20 11.35
N ILE A 712 -4.79 14.24 11.58
CA ILE A 712 -5.33 15.62 11.53
C ILE A 712 -4.70 16.32 10.37
N GLU A 713 -5.53 16.79 9.46
CA GLU A 713 -5.06 17.48 8.28
C GLU A 713 -5.27 19.01 8.53
N ILE A 714 -4.23 19.78 8.25
CA ILE A 714 -4.20 21.19 8.61
C ILE A 714 -4.16 22.02 7.36
N ASP A 715 -5.07 22.99 7.24
CA ASP A 715 -5.07 23.97 6.14
C ASP A 715 -4.77 25.34 6.72
N ILE A 716 -3.84 26.05 6.11
CA ILE A 716 -3.63 27.47 6.39
C ILE A 716 -4.76 28.27 5.73
N THR A 717 -5.49 29.05 6.53
CA THR A 717 -6.67 29.78 6.02
C THR A 717 -6.44 31.32 6.13
N ASP A 718 -7.16 32.12 5.35
CA ASP A 718 -7.11 33.59 5.52
C ASP A 718 -8.13 34.08 6.55
N LYS A 719 -8.32 35.38 6.70
CA LYS A 719 -9.24 35.88 7.76
C LYS A 719 -10.71 35.51 7.61
N ASN A 720 -11.21 35.23 6.40
CA ASN A 720 -12.54 34.62 6.21
C ASN A 720 -12.59 33.09 6.11
N GLY A 721 -11.48 32.42 6.39
CA GLY A 721 -11.47 30.96 6.34
C GLY A 721 -11.29 30.35 4.95
N ILE A 722 -10.94 31.13 3.94
CA ILE A 722 -10.56 30.60 2.64
C ILE A 722 -9.12 30.00 2.72
N PRO A 723 -8.94 28.72 2.35
CA PRO A 723 -7.57 28.15 2.33
C PRO A 723 -6.56 28.91 1.46
N CYS A 724 -5.32 29.04 1.90
CA CYS A 724 -4.27 29.70 1.13
C CYS A 724 -3.43 28.68 0.37
N PRO A 725 -3.62 28.58 -0.96
CA PRO A 725 -2.93 27.49 -1.67
C PRO A 725 -1.42 27.66 -1.77
N TYR A 726 -0.88 28.82 -1.40
CA TYR A 726 0.56 29.03 -1.47
C TYR A 726 1.25 29.11 -0.13
N ALA A 727 0.53 28.84 0.95
CA ALA A 727 1.11 29.03 2.29
C ALA A 727 2.13 27.95 2.60
N SER A 728 3.25 28.35 3.20
CA SER A 728 4.26 27.42 3.62
C SER A 728 4.71 27.70 5.03
N ASN A 729 3.79 28.23 5.82
CA ASN A 729 4.07 28.57 7.22
C ASN A 729 4.50 27.41 8.10
N GLU A 730 5.53 27.68 8.89
CA GLU A 730 6.03 26.73 9.86
C GLU A 730 5.11 26.57 11.04
N LEU A 731 4.74 25.34 11.39
CA LEU A 731 3.77 25.15 12.47
C LEU A 731 4.38 24.40 13.64
N SER A 732 3.72 24.52 14.79
CA SER A 732 4.14 23.88 16.02
C SER A 732 2.97 23.17 16.62
N PHE A 733 3.22 21.98 17.15
CA PHE A 733 2.14 21.18 17.72
C PHE A 733 2.37 21.00 19.23
N HIS A 734 1.29 21.07 19.97
CA HIS A 734 1.29 20.94 21.41
C HIS A 734 0.13 20.07 21.83
N VAL A 735 0.47 18.95 22.46
CA VAL A 735 -0.52 17.97 22.85
C VAL A 735 -0.51 17.92 24.36
N SER A 736 -1.69 17.91 24.93
CA SER A 736 -1.80 17.68 26.35
C SER A 736 -2.82 16.59 26.56
N GLY A 737 -2.79 16.01 27.75
CA GLY A 737 -3.64 14.88 28.04
C GLY A 737 -2.92 13.61 27.62
N PRO A 738 -3.70 12.56 27.44
CA PRO A 738 -3.13 11.24 27.14
C PRO A 738 -3.07 10.99 25.59
N LEU A 739 -2.18 11.73 24.92
CA LEU A 739 -1.95 11.65 23.48
C LEU A 739 -0.46 11.73 23.19
N ARG A 740 -0.06 11.12 22.08
CA ARG A 740 1.32 10.93 21.71
C ARG A 740 1.42 11.30 20.26
N LEU A 741 2.57 11.84 19.88
CA LEU A 741 2.85 12.14 18.49
C LEU A 741 3.40 10.88 17.80
N LEU A 742 2.96 10.60 16.57
CA LEU A 742 3.50 9.47 15.77
C LEU A 742 4.33 10.00 14.61
N GLY A 743 3.83 10.99 13.90
CA GLY A 743 4.64 11.70 12.93
C GLY A 743 3.93 12.87 12.25
N VAL A 744 4.69 13.66 11.51
CA VAL A 744 4.19 14.85 10.84
C VAL A 744 4.64 14.78 9.39
N ASP A 745 3.90 15.42 8.48
CA ASP A 745 4.37 15.49 7.10
C ASP A 745 3.58 16.50 6.31
N ASN A 746 4.18 17.05 5.27
CA ASN A 746 3.54 18.06 4.44
C ASN A 746 3.37 17.69 2.95
N GLY A 747 3.98 16.58 2.52
CA GLY A 747 3.93 16.16 1.11
C GLY A 747 4.95 16.81 0.18
N ASN A 748 5.79 17.70 0.69
CA ASN A 748 6.84 18.33 -0.12
C ASN A 748 7.98 17.34 -0.40
N PRO A 749 8.11 16.91 -1.65
CA PRO A 749 9.11 15.92 -1.99
C PRO A 749 10.56 16.39 -1.80
N THR A 750 10.80 17.70 -1.69
CA THR A 750 12.15 18.28 -1.46
C THR A 750 12.36 18.89 -0.07
N ASP A 751 11.52 18.56 0.91
CA ASP A 751 11.69 19.02 2.28
C ASP A 751 12.04 17.85 3.18
N MET A 752 13.22 17.88 3.79
CA MET A 752 13.75 16.83 4.63
C MET A 752 13.79 17.29 6.08
N PHE A 753 13.11 16.54 6.96
CA PHE A 753 12.85 17.01 8.31
C PHE A 753 12.53 15.84 9.24
N PRO A 754 12.76 16.01 10.55
CA PRO A 754 12.54 14.91 11.47
C PRO A 754 11.07 14.60 11.60
N TYR A 755 10.68 13.39 11.21
CA TYR A 755 9.28 12.94 11.24
C TYR A 755 8.65 12.78 12.63
N GLN A 756 9.42 12.53 13.68
CA GLN A 756 8.83 12.35 15.01
C GLN A 756 8.97 13.55 15.98
N GLN A 757 9.16 14.76 15.44
CA GLN A 757 9.13 16.01 16.25
C GLN A 757 7.92 16.88 15.90
N PRO A 758 7.33 17.57 16.89
CA PRO A 758 6.10 18.31 16.64
C PRO A 758 6.33 19.69 16.01
N HIS A 759 7.14 19.75 14.97
CA HIS A 759 7.23 20.90 14.11
C HIS A 759 7.09 20.46 12.63
N CYS A 760 6.45 21.30 11.82
CA CYS A 760 6.38 21.04 10.39
C CYS A 760 5.97 22.27 9.61
N ARG A 761 6.63 22.51 8.48
CA ARG A 761 6.21 23.53 7.52
C ARG A 761 5.01 23.03 6.67
N CYS A 762 4.10 23.92 6.29
CA CYS A 762 3.09 23.53 5.32
C CYS A 762 3.63 23.51 3.89
N PHE A 763 2.96 22.78 3.00
CA PHE A 763 3.34 22.80 1.59
C PHE A 763 2.10 23.06 0.75
N ARG A 764 2.21 24.09 -0.08
CA ARG A 764 1.08 24.57 -0.84
C ARG A 764 -0.17 24.49 0.01
N GLY A 765 -0.09 25.10 1.19
CA GLY A 765 -1.25 25.25 2.06
C GLY A 765 -1.56 24.21 3.09
N LYS A 766 -0.83 23.08 3.15
CA LYS A 766 -1.31 21.98 4.02
C LYS A 766 -0.24 21.27 4.81
N CYS A 767 -0.65 20.59 5.88
CA CYS A 767 0.25 19.61 6.45
C CYS A 767 -0.56 18.62 7.23
N VAL A 768 0.09 17.55 7.70
CA VAL A 768 -0.61 16.46 8.38
C VAL A 768 0.10 16.04 9.64
N VAL A 769 -0.65 15.80 10.71
CA VAL A 769 -0.11 15.30 11.97
C VAL A 769 -0.83 13.99 12.35
N LEU A 770 -0.07 13.02 12.82
CA LEU A 770 -0.58 11.73 13.26
C LEU A 770 -0.40 11.57 14.75
N LEU A 771 -1.50 11.35 15.46
CA LEU A 771 -1.48 11.16 16.89
C LEU A 771 -1.99 9.77 17.28
N GLN A 772 -1.42 9.22 18.37
CA GLN A 772 -1.96 8.02 19.04
C GLN A 772 -2.25 8.30 20.53
N SER A 773 -3.18 7.52 21.10
CA SER A 773 -3.45 7.54 22.54
C SER A 773 -2.27 7.02 23.38
N ASP A 774 -2.08 7.55 24.59
CA ASP A 774 -1.07 7.03 25.55
C ASP A 774 -1.71 5.85 26.33
N GLU A 775 -1.08 5.42 27.45
CA GLU A 775 -1.55 4.25 28.21
C GLU A 775 -2.90 4.46 28.98
N GLU A 776 -3.22 5.71 29.39
CA GLU A 776 -4.35 6.01 30.31
C GLU A 776 -5.47 6.89 29.71
N LYS A 777 -6.73 6.66 30.14
CA LYS A 777 -7.91 7.45 29.69
C LYS A 777 -7.86 8.92 30.12
N GLY A 778 -8.78 9.73 29.61
CA GLY A 778 -8.70 11.18 29.80
C GLY A 778 -9.08 11.97 28.54
N LYS A 779 -8.93 13.29 28.61
CA LYS A 779 -9.33 14.19 27.53
C LYS A 779 -8.05 14.76 26.93
N GLY A 780 -7.98 14.75 25.60
CA GLY A 780 -6.76 15.09 24.88
C GLY A 780 -6.95 16.34 24.05
N THR A 781 -5.94 17.21 24.06
CA THR A 781 -5.97 18.48 23.31
C THR A 781 -4.72 18.66 22.45
N LEU A 782 -4.92 18.80 21.14
CA LEU A 782 -3.85 19.26 20.27
C LEU A 782 -4.04 20.76 20.03
N THR A 783 -2.96 21.52 20.15
CA THR A 783 -2.96 22.93 19.83
C THR A 783 -1.99 23.14 18.69
N VAL A 784 -2.39 23.91 17.70
CA VAL A 784 -1.54 24.23 16.55
C VAL A 784 -1.26 25.72 16.52
N GLN A 785 0.02 26.08 16.39
CA GLN A 785 0.45 27.45 16.44
C GLN A 785 1.43 27.76 15.35
N GLY A 786 1.58 29.02 15.04
CA GLY A 786 2.54 29.48 14.08
C GLY A 786 2.68 30.98 14.26
N THR A 787 3.81 31.51 13.82
CA THR A 787 4.08 32.95 13.87
C THR A 787 3.07 33.68 13.02
N LYS A 788 2.40 34.64 13.67
CA LYS A 788 1.45 35.56 13.03
C LYS A 788 0.20 34.81 12.58
N LEU A 789 -0.06 33.67 13.20
CA LEU A 789 -1.31 32.95 12.97
C LEU A 789 -2.07 32.83 14.29
N VAL A 790 -3.38 32.77 14.21
CA VAL A 790 -4.22 32.54 15.38
C VAL A 790 -4.25 31.06 15.59
N GLU A 791 -3.88 30.62 16.79
CA GLU A 791 -3.91 29.22 17.14
C GLU A 791 -5.32 28.62 17.00
N LYS A 792 -5.40 27.30 16.85
CA LYS A 792 -6.66 26.57 16.98
C LYS A 792 -6.44 25.29 17.78
N LYS A 793 -7.50 24.84 18.45
CA LYS A 793 -7.45 23.67 19.35
C LYS A 793 -8.38 22.55 18.88
N LEU A 794 -8.01 21.33 19.18
CA LEU A 794 -8.85 20.20 18.83
C LEU A 794 -8.85 19.16 19.91
N ILE A 795 -10.04 18.76 20.36
CA ILE A 795 -10.20 17.85 21.50
C ILE A 795 -10.43 16.42 20.99
N ILE A 796 -9.71 15.46 21.58
CA ILE A 796 -9.93 14.05 21.33
C ILE A 796 -10.18 13.33 22.65
N GLU A 797 -11.42 12.88 22.84
CA GLU A 797 -11.80 11.98 23.92
C GLU A 797 -11.06 10.65 23.77
N VAL A 798 -10.41 10.23 24.85
CA VAL A 798 -9.86 8.87 24.99
C VAL A 798 -10.69 7.98 25.98
#